data_4ZBT
#
_entry.id   4ZBT
#
_cell.length_a   156.911
_cell.length_b   123.487
_cell.length_c   52.932
_cell.angle_alpha   90.00
_cell.angle_beta   90.00
_cell.angle_gamma   90.00
#
_symmetry.space_group_name_H-M   'P 21 21 2'
#
loop_
_entity.id
_entity.type
_entity.pdbx_description
1 polymer 'Acetoacetate decarboxylase'
2 non-polymer 'PYRUVIC ACID'
3 non-polymer 'FORMIC ACID'
4 non-polymer 2-{2-[2-(2-{2-[2-(2-ETHOXY-ETHOXY)-ETHOXY]-ETHOXY}-ETHOXY)-ETHOXY]-ETHOXY}-ETHANOL
5 non-polymer DI(HYDROXYETHYL)ETHER
6 water water
#
_entity_poly.entity_id   1
_entity_poly.type   'polypeptide(L)'
_entity_poly.pdbx_seq_one_letter_code
;MKGYTVPLSPRGIANLAPAPPWHYAGTVVGVEFFTDPAAAAATLPEGLTPDPDSAGRGVAMFIDWQYSSTGLEYLDPARS
QYREFLITLDAHCNGAPVAWCPYIYVDNDAAMARGWVQGFPKKLGAVHQTRAYSVGGPGTPVLGPGGQFGATASSAGQRI
AEAKITLEQPVPDPAALMSRPVINLRHFPRLAAGQHDQPAVHELVMSVLDDTAVSDAWVGTADLAFLPAHGEELADLPVR
RTGKGFHFDLAYTVTDLMTLADHSA
;
_entity_poly.pdbx_strand_id   A,B,C,D
#
loop_
_chem_comp.id
_chem_comp.type
_chem_comp.name
_chem_comp.formula
FMT non-polymer 'FORMIC ACID' 'C H2 O2'
PE4 non-polymer 2-{2-[2-(2-{2-[2-(2-ETHOXY-ETHOXY)-ETHOXY]-ETHOXY}-ETHOXY)-ETHOXY]-ETHOXY}-ETHANOL 'C16 H34 O8'
PEG non-polymer DI(HYDROXYETHYL)ETHER 'C4 H10 O3'
PYR non-polymer 'PYRUVIC ACID' 'C3 H4 O3'
#
# COMPACT_ATOMS: atom_id res chain seq x y z
N MET A 1 4.67 -31.75 -7.41
CA MET A 1 4.07 -30.78 -6.45
C MET A 1 4.92 -30.68 -5.20
N LYS A 2 5.47 -29.49 -5.00
CA LYS A 2 6.45 -29.21 -3.96
C LYS A 2 5.99 -27.98 -3.21
N GLY A 3 6.56 -27.77 -2.04
CA GLY A 3 6.24 -26.60 -1.26
C GLY A 3 5.82 -26.90 0.18
N TYR A 4 5.79 -25.85 1.00
CA TYR A 4 5.38 -26.00 2.39
C TYR A 4 3.98 -25.41 2.61
N THR A 5 3.83 -24.08 2.47
CA THR A 5 2.49 -23.52 2.47
C THR A 5 1.96 -23.45 1.05
N VAL A 6 0.71 -23.07 0.88
CA VAL A 6 0.22 -22.82 -0.47
C VAL A 6 0.84 -21.54 -1.01
N PRO A 7 0.86 -21.37 -2.35
CA PRO A 7 0.59 -22.41 -3.34
C PRO A 7 1.68 -23.46 -3.45
N LEU A 8 1.29 -24.73 -3.49
CA LEU A 8 2.23 -25.79 -3.88
C LEU A 8 2.46 -25.68 -5.38
N SER A 9 3.57 -26.24 -5.86
CA SER A 9 4.03 -25.90 -7.20
C SER A 9 5.09 -26.86 -7.68
N PRO A 10 5.40 -26.76 -8.96
CA PRO A 10 6.40 -27.67 -9.47
C PRO A 10 7.78 -27.53 -8.82
N ARG A 11 8.20 -26.33 -8.45
CA ARG A 11 9.53 -26.15 -7.90
C ARG A 11 9.58 -25.80 -6.41
N GLY A 12 8.42 -25.59 -5.77
CA GLY A 12 8.37 -25.17 -4.40
C GLY A 12 8.95 -23.80 -4.12
N ILE A 13 8.91 -22.92 -5.11
CA ILE A 13 9.32 -21.52 -5.01
C ILE A 13 8.14 -20.61 -4.72
N ALA A 14 7.02 -20.86 -5.43
CA ALA A 14 5.87 -19.98 -5.37
C ALA A 14 5.23 -19.91 -3.99
N ASN A 15 5.42 -20.95 -3.17
CA ASN A 15 4.76 -20.97 -1.86
C ASN A 15 4.98 -19.68 -1.05
N LEU A 16 3.95 -19.27 -0.30
CA LEU A 16 4.05 -18.06 0.53
C LEU A 16 5.27 -18.17 1.44
N ALA A 17 5.41 -19.34 2.03
CA ALA A 17 6.57 -19.62 2.87
C ALA A 17 7.05 -21.05 2.70
N PRO A 18 8.37 -21.24 2.61
CA PRO A 18 8.92 -22.57 2.52
C PRO A 18 9.01 -23.19 3.90
N ALA A 19 9.53 -24.40 3.94
CA ALA A 19 9.71 -25.11 5.20
C ALA A 19 10.71 -24.35 6.06
N PRO A 20 10.62 -24.54 7.37
CA PRO A 20 11.66 -24.05 8.28
C PRO A 20 13.02 -24.61 7.91
N PRO A 21 14.11 -24.01 8.42
CA PRO A 21 14.16 -22.99 9.47
C PRO A 21 13.76 -21.60 9.00
N TRP A 22 13.10 -20.86 9.89
CA TRP A 22 12.76 -19.46 9.66
C TRP A 22 13.55 -18.65 10.65
N HIS A 23 14.35 -17.72 10.16
CA HIS A 23 15.20 -16.88 11.00
C HIS A 23 14.64 -15.49 11.06
N TYR A 24 14.81 -14.86 12.21
CA TYR A 24 14.29 -13.54 12.49
C TYR A 24 15.30 -12.66 13.20
N ALA A 25 15.40 -11.42 12.75
CA ALA A 25 16.10 -10.37 13.44
C ALA A 25 15.20 -9.15 13.45
N GLY A 26 15.04 -8.55 14.63
CA GLY A 26 14.15 -7.41 14.71
C GLY A 26 14.45 -6.44 15.82
N THR A 27 13.74 -5.33 15.79
CA THR A 27 13.90 -4.28 16.77
C THR A 27 12.50 -4.02 17.31
N VAL A 28 12.38 -4.12 18.63
CA VAL A 28 11.10 -4.11 19.34
C VAL A 28 10.91 -2.82 20.11
N VAL A 29 9.78 -2.17 19.90
CA VAL A 29 9.32 -1.13 20.79
C VAL A 29 8.16 -1.74 21.55
N GLY A 30 8.30 -1.82 22.87
CA GLY A 30 7.31 -2.51 23.68
C GLY A 30 6.75 -1.69 24.82
N VAL A 31 5.51 -1.98 25.19
CA VAL A 31 4.82 -1.27 26.27
C VAL A 31 4.10 -2.30 27.13
N GLU A 32 4.48 -2.34 28.40
CA GLU A 32 3.71 -3.06 29.41
C GLU A 32 2.43 -2.29 29.73
N PHE A 33 1.28 -2.97 29.74
CA PHE A 33 0.03 -2.27 30.05
C PHE A 33 -0.87 -3.09 30.92
N PHE A 34 -1.87 -2.42 31.48
CA PHE A 34 -2.85 -3.07 32.36
C PHE A 34 -4.26 -2.72 31.89
N THR A 35 -5.02 -3.76 31.61
CA THR A 35 -6.41 -3.65 31.24
C THR A 35 -7.28 -4.31 32.32
N ASP A 36 -8.58 -4.40 32.08
CA ASP A 36 -9.46 -5.04 33.09
C ASP A 36 -9.20 -6.55 33.12
N PRO A 37 -9.00 -7.14 34.31
CA PRO A 37 -8.84 -8.59 34.36
C PRO A 37 -9.92 -9.38 33.58
N ALA A 38 -11.17 -8.99 33.75
CA ALA A 38 -12.28 -9.71 33.10
C ALA A 38 -12.21 -9.58 31.57
N ALA A 39 -11.76 -8.42 31.09
CA ALA A 39 -11.59 -8.24 29.65
C ALA A 39 -10.52 -9.19 29.11
N ALA A 40 -9.38 -9.27 29.77
CA ALA A 40 -8.34 -10.23 29.39
C ALA A 40 -8.86 -11.69 29.45
N ALA A 41 -9.52 -12.03 30.56
CA ALA A 41 -10.10 -13.36 30.72
C ALA A 41 -11.01 -13.73 29.54
N ALA A 42 -11.73 -12.74 29.02
CA ALA A 42 -12.73 -12.99 28.00
C ALA A 42 -12.11 -13.51 26.71
N THR A 43 -10.83 -13.17 26.48
CA THR A 43 -10.14 -13.55 25.25
C THR A 43 -9.48 -14.91 25.36
N LEU A 44 -9.43 -15.47 26.57
CA LEU A 44 -8.65 -16.68 26.80
C LEU A 44 -9.28 -17.92 26.18
N PRO A 45 -8.46 -18.77 25.55
CA PRO A 45 -8.98 -20.04 25.09
C PRO A 45 -9.27 -20.98 26.24
N GLU A 46 -10.05 -22.01 25.98
CA GLU A 46 -10.22 -23.08 26.94
C GLU A 46 -8.84 -23.75 27.03
N GLY A 47 -8.37 -23.99 28.23
CA GLY A 47 -7.03 -24.49 28.43
C GLY A 47 -6.17 -23.51 29.20
N LEU A 48 -6.43 -22.22 29.03
CA LEU A 48 -5.73 -21.20 29.79
C LEU A 48 -6.61 -20.67 30.92
N THR A 49 -5.94 -20.19 31.95
CA THR A 49 -6.56 -19.76 33.19
C THR A 49 -6.12 -18.34 33.47
N PRO A 50 -6.97 -17.52 34.11
CA PRO A 50 -6.41 -16.20 34.46
C PRO A 50 -5.16 -16.32 35.31
N ASP A 51 -4.22 -15.39 35.13
CA ASP A 51 -3.04 -15.36 35.97
C ASP A 51 -3.41 -14.95 37.41
N PRO A 52 -3.05 -15.75 38.43
CA PRO A 52 -3.54 -15.36 39.75
C PRO A 52 -2.85 -14.14 40.34
N ASP A 53 -1.73 -13.75 39.75
CA ASP A 53 -0.93 -12.65 40.26
C ASP A 53 -1.07 -11.37 39.43
N SER A 54 -1.11 -11.48 38.09
CA SER A 54 -1.06 -10.30 37.23
C SER A 54 -2.18 -10.28 36.18
N ALA A 55 -3.34 -10.83 36.52
CA ALA A 55 -4.47 -10.82 35.60
C ALA A 55 -4.73 -9.39 35.17
N GLY A 56 -4.85 -9.20 33.86
CA GLY A 56 -5.08 -7.88 33.30
C GLY A 56 -3.84 -7.26 32.69
N ARG A 57 -2.66 -7.74 33.11
CA ARG A 57 -1.41 -7.26 32.53
C ARG A 57 -1.24 -7.83 31.15
N GLY A 58 -0.69 -7.02 30.25
CA GLY A 58 -0.22 -7.49 28.99
C GLY A 58 0.95 -6.70 28.46
N VAL A 59 1.40 -7.07 27.25
CA VAL A 59 2.48 -6.37 26.60
C VAL A 59 2.07 -6.11 25.16
N ALA A 60 2.23 -4.87 24.74
CA ALA A 60 2.06 -4.49 23.36
C ALA A 60 3.45 -4.35 22.72
N MET A 61 3.62 -4.90 21.53
CA MET A 61 4.91 -4.79 20.83
C MET A 61 4.74 -4.35 19.39
N PHE A 62 5.59 -3.43 19.00
CA PHE A 62 5.75 -2.98 17.62
C PHE A 62 7.14 -3.39 17.17
N ILE A 63 7.24 -4.20 16.12
CA ILE A 63 8.52 -4.79 15.76
C ILE A 63 8.81 -4.54 14.26
N ASP A 64 10.06 -4.17 13.99
CA ASP A 64 10.59 -4.13 12.63
C ASP A 64 11.39 -5.40 12.41
N TRP A 65 10.80 -6.36 11.71
CA TRP A 65 11.40 -7.66 11.45
C TRP A 65 12.06 -7.82 10.10
N GLN A 66 13.13 -8.60 10.12
CA GLN A 66 13.74 -9.10 8.92
C GLN A 66 13.80 -10.60 9.03
N TYR A 67 13.28 -11.27 8.02
CA TYR A 67 13.24 -12.73 8.01
C TYR A 67 14.25 -13.27 7.00
N SER A 68 14.73 -14.48 7.24
CA SER A 68 15.50 -15.20 6.27
C SER A 68 15.37 -16.70 6.51
N SER A 69 15.82 -17.49 5.54
CA SER A 69 15.82 -18.93 5.71
C SER A 69 17.21 -19.43 5.35
N THR A 70 17.31 -20.44 4.49
CA THR A 70 18.62 -21.08 4.27
C THR A 70 19.41 -20.53 3.09
N GLY A 71 18.87 -19.51 2.39
CA GLY A 71 19.51 -18.98 1.20
C GLY A 71 19.66 -17.47 1.14
N LEU A 72 19.91 -16.82 2.28
CA LEU A 72 20.04 -15.35 2.29
C LEU A 72 18.82 -14.63 1.72
N GLU A 73 17.64 -15.10 2.12
CA GLU A 73 16.40 -14.47 1.72
C GLU A 73 16.35 -13.01 2.19
N TYR A 74 17.16 -12.63 3.19
CA TYR A 74 17.13 -11.25 3.63
C TYR A 74 17.69 -10.31 2.57
N LEU A 75 18.29 -10.87 1.52
CA LEU A 75 18.71 -10.04 0.40
C LEU A 75 17.54 -9.59 -0.49
N ASP A 76 16.33 -10.04 -0.16
CA ASP A 76 15.12 -9.70 -0.91
C ASP A 76 14.13 -9.04 0.05
N PRO A 77 14.47 -7.83 0.52
CA PRO A 77 13.64 -7.16 1.53
C PRO A 77 12.19 -6.91 1.14
N ALA A 78 11.90 -6.83 -0.16
CA ALA A 78 10.52 -6.62 -0.62
C ALA A 78 9.65 -7.75 -0.07
N ARG A 79 10.23 -8.93 0.12
CA ARG A 79 9.49 -10.08 0.67
C ARG A 79 9.82 -10.34 2.12
N SER A 80 11.08 -10.11 2.48
CA SER A 80 11.58 -10.62 3.76
C SER A 80 11.40 -9.69 4.93
N GLN A 81 11.30 -8.39 4.66
CA GLN A 81 11.06 -7.45 5.72
C GLN A 81 9.61 -7.20 5.96
N TYR A 82 9.25 -7.10 7.24
CA TYR A 82 7.89 -6.77 7.57
C TYR A 82 7.83 -6.09 8.92
N ARG A 83 6.72 -5.44 9.18
CA ARG A 83 6.47 -4.78 10.44
C ARG A 83 5.24 -5.39 11.11
N GLU A 84 5.29 -5.46 12.42
CA GLU A 84 4.36 -6.27 13.18
C GLU A 84 3.92 -5.55 14.44
N PHE A 85 2.62 -5.64 14.72
CA PHE A 85 2.11 -5.19 16.02
C PHE A 85 1.31 -6.30 16.66
N LEU A 86 1.63 -6.63 17.91
CA LEU A 86 0.89 -7.67 18.63
C LEU A 86 0.69 -7.29 20.06
N ILE A 87 -0.27 -7.95 20.72
CA ILE A 87 -0.33 -7.92 22.16
C ILE A 87 -0.30 -9.34 22.72
N THR A 88 0.27 -9.47 23.90
CA THR A 88 0.08 -10.65 24.71
C THR A 88 -0.55 -10.24 26.02
N LEU A 89 -1.20 -11.21 26.63
CA LEU A 89 -1.90 -11.04 27.89
C LEU A 89 -1.37 -12.11 28.84
N ASP A 90 -1.06 -11.71 30.07
CA ASP A 90 -0.70 -12.67 31.09
C ASP A 90 -1.83 -13.66 31.37
N ALA A 91 -1.45 -14.93 31.46
CA ALA A 91 -2.37 -16.01 31.80
C ALA A 91 -1.57 -17.12 32.47
N HIS A 92 -2.26 -18.17 32.93
CA HIS A 92 -1.61 -19.39 33.41
C HIS A 92 -1.98 -20.59 32.55
N CYS A 93 -1.03 -21.48 32.38
CA CYS A 93 -1.30 -22.78 31.79
C CYS A 93 -0.82 -23.80 32.80
N ASN A 94 -1.76 -24.50 33.42
CA ASN A 94 -1.46 -25.47 34.46
C ASN A 94 -0.49 -24.97 35.53
N GLY A 95 -0.76 -23.78 36.07
CA GLY A 95 -0.02 -23.24 37.19
C GLY A 95 1.20 -22.43 36.79
N ALA A 96 1.49 -22.40 35.50
CA ALA A 96 2.70 -21.79 35.02
C ALA A 96 2.40 -20.50 34.23
N PRO A 97 3.18 -19.44 34.46
CA PRO A 97 2.97 -18.20 33.69
C PRO A 97 3.24 -18.29 32.20
N VAL A 98 2.24 -17.87 31.43
CA VAL A 98 2.34 -17.80 29.99
C VAL A 98 1.81 -16.46 29.46
N ALA A 99 1.97 -16.27 28.16
CA ALA A 99 1.48 -15.08 27.49
C ALA A 99 0.62 -15.45 26.29
N TRP A 100 -0.69 -15.22 26.43
CA TRP A 100 -1.65 -15.50 25.39
C TRP A 100 -1.65 -14.36 24.33
N CYS A 101 -1.62 -14.72 23.07
CA CYS A 101 -1.67 -13.73 22.00
C CYS A 101 -3.03 -13.79 21.31
N PRO A 102 -3.92 -12.81 21.57
CA PRO A 102 -5.24 -12.76 20.93
C PRO A 102 -5.29 -12.07 19.59
N TYR A 103 -4.47 -11.03 19.43
CA TYR A 103 -4.47 -10.20 18.24
C TYR A 103 -3.06 -9.86 17.83
N ILE A 104 -2.82 -9.88 16.52
CA ILE A 104 -1.54 -9.57 15.91
C ILE A 104 -1.76 -9.12 14.45
N TYR A 105 -0.99 -8.11 14.05
CA TYR A 105 -1.08 -7.50 12.73
C TYR A 105 0.29 -7.39 12.04
N VAL A 106 0.34 -7.69 10.74
CA VAL A 106 1.57 -7.59 9.94
C VAL A 106 1.28 -6.95 8.59
N ASP A 107 2.33 -6.46 7.93
CA ASP A 107 2.15 -5.79 6.63
C ASP A 107 2.70 -6.58 5.47
N ASN A 108 2.69 -7.90 5.60
CA ASN A 108 3.33 -8.79 4.68
C ASN A 108 2.55 -10.11 4.64
N ASP A 109 2.19 -10.58 3.46
CA ASP A 109 1.42 -11.84 3.36
C ASP A 109 2.25 -13.10 3.68
N ALA A 110 3.54 -13.11 3.42
CA ALA A 110 4.34 -14.27 3.78
C ALA A 110 4.35 -14.40 5.29
N ALA A 111 4.48 -13.27 6.00
CA ALA A 111 4.42 -13.29 7.47
C ALA A 111 3.05 -13.76 7.93
N MET A 112 2.00 -13.32 7.27
CA MET A 112 0.67 -13.80 7.65
C MET A 112 0.59 -15.31 7.60
N ALA A 113 1.10 -15.89 6.52
CA ALA A 113 1.09 -17.36 6.35
C ALA A 113 1.90 -18.07 7.43
N ARG A 114 3.11 -17.60 7.66
CA ARG A 114 3.99 -18.20 8.66
C ARG A 114 3.28 -18.12 10.02
N GLY A 115 2.66 -16.98 10.27
CA GLY A 115 1.93 -16.77 11.50
C GLY A 115 0.83 -17.77 11.67
N TRP A 116 -0.02 -17.92 10.65
CA TRP A 116 -1.13 -18.84 10.78
C TRP A 116 -0.62 -20.24 11.12
N VAL A 117 0.49 -20.65 10.48
CA VAL A 117 1.03 -21.97 10.73
C VAL A 117 1.45 -22.09 12.20
N GLN A 118 2.01 -21.02 12.75
CA GLN A 118 2.38 -21.03 14.16
C GLN A 118 1.22 -20.87 15.13
N GLY A 119 0.06 -20.47 14.62
CA GLY A 119 -1.08 -20.22 15.47
C GLY A 119 -1.20 -18.75 15.88
N PHE A 120 -0.30 -17.91 15.35
CA PHE A 120 -0.44 -16.48 15.54
C PHE A 120 -1.63 -15.98 14.68
N PRO A 121 -2.61 -15.31 15.29
CA PRO A 121 -3.82 -14.97 14.51
C PRO A 121 -3.71 -13.70 13.63
N LYS A 122 -2.80 -13.73 12.68
CA LYS A 122 -2.42 -12.52 11.95
C LYS A 122 -3.45 -12.02 10.95
N LYS A 123 -3.66 -10.70 11.00
CA LYS A 123 -4.35 -9.96 9.94
C LYS A 123 -3.38 -8.94 9.36
N LEU A 124 -3.71 -8.41 8.20
CA LEU A 124 -2.93 -7.29 7.66
C LEU A 124 -3.21 -6.00 8.39
N GLY A 125 -2.13 -5.24 8.53
CA GLY A 125 -2.20 -3.90 9.06
C GLY A 125 -0.96 -3.12 8.66
N ALA A 126 -0.98 -1.84 8.99
CA ALA A 126 0.13 -0.94 8.77
C ALA A 126 0.72 -0.59 10.11
N VAL A 127 2.00 -0.86 10.26
CA VAL A 127 2.68 -0.70 11.54
C VAL A 127 3.94 0.13 11.35
N HIS A 128 4.23 1.03 12.30
CA HIS A 128 5.40 1.90 12.20
C HIS A 128 6.00 2.13 13.58
N GLN A 129 7.31 2.29 13.64
CA GLN A 129 7.97 2.70 14.88
C GLN A 129 9.12 3.62 14.55
N THR A 130 9.31 4.65 15.38
CA THR A 130 10.46 5.53 15.28
C THR A 130 11.74 4.68 15.30
N ARG A 131 12.72 5.05 14.48
CA ARG A 131 13.99 4.35 14.39
C ARG A 131 15.14 5.20 14.90
N ALA A 132 16.09 4.57 15.58
CA ALA A 132 17.32 5.26 15.98
C ALA A 132 18.45 5.06 14.97
N TYR A 133 19.07 6.16 14.57
CA TYR A 133 20.15 6.15 13.61
C TYR A 133 21.46 6.54 14.30
N SER A 134 22.46 5.72 14.07
CA SER A 134 23.77 5.89 14.64
C SER A 134 24.39 7.27 14.33
N VAL A 135 24.15 7.81 13.13
CA VAL A 135 24.78 9.08 12.77
C VAL A 135 24.35 10.20 13.74
N GLY A 136 23.14 10.10 14.29
CA GLY A 136 22.65 11.11 15.22
C GLY A 136 22.09 12.36 14.54
N GLY A 137 21.77 13.39 15.32
CA GLY A 137 21.24 14.63 14.79
C GLY A 137 19.73 14.77 15.01
N PRO A 138 19.14 15.86 14.53
CA PRO A 138 17.75 16.18 14.88
C PRO A 138 16.72 15.30 14.17
N GLY A 139 17.17 14.45 13.27
CA GLY A 139 16.26 13.50 12.63
C GLY A 139 16.07 12.19 13.36
N THR A 140 16.78 12.00 14.48
CA THR A 140 16.67 10.74 15.20
C THR A 140 16.73 10.88 16.73
N PRO A 141 16.05 9.97 17.44
CA PRO A 141 16.37 9.92 18.87
C PRO A 141 17.70 9.27 19.14
N VAL A 142 18.16 9.39 20.38
CA VAL A 142 19.33 8.65 20.81
C VAL A 142 18.85 7.33 21.39
N LEU A 143 19.54 6.24 21.05
CA LEU A 143 19.30 4.96 21.69
C LEU A 143 20.01 4.94 23.04
N GLY A 144 19.37 5.54 24.02
CA GLY A 144 19.98 5.74 25.31
C GLY A 144 19.04 6.59 26.13
N PRO A 145 19.48 7.04 27.32
CA PRO A 145 18.66 7.88 28.19
C PRO A 145 18.05 9.10 27.46
N GLY A 146 16.75 9.25 27.62
CA GLY A 146 16.02 10.38 27.06
C GLY A 146 15.46 10.12 25.67
N GLY A 147 15.90 9.03 25.03
CA GLY A 147 15.40 8.68 23.71
C GLY A 147 13.91 8.43 23.69
N GLN A 148 13.21 9.20 22.87
CA GLN A 148 11.76 9.01 22.69
C GLN A 148 11.47 8.30 21.38
N PHE A 149 10.58 7.31 21.44
CA PHE A 149 10.19 6.51 20.29
C PHE A 149 8.68 6.42 20.20
N GLY A 150 8.14 6.71 19.02
CA GLY A 150 6.72 6.53 18.80
C GLY A 150 6.41 5.31 17.99
N ALA A 151 5.16 4.84 18.08
CA ALA A 151 4.74 3.69 17.30
C ALA A 151 3.24 3.67 17.10
N THR A 152 2.80 3.19 15.94
CA THR A 152 1.38 3.15 15.63
C THR A 152 1.07 1.87 14.86
N ALA A 153 -0.19 1.47 14.92
CA ALA A 153 -0.72 0.37 14.11
C ALA A 153 -2.10 0.72 13.62
N SER A 154 -2.34 0.44 12.34
CA SER A 154 -3.66 0.58 11.72
C SER A 154 -4.10 -0.72 11.07
N SER A 155 -5.41 -0.89 10.94
CA SER A 155 -5.95 -2.04 10.24
C SER A 155 -7.14 -1.60 9.42
N ALA A 156 -7.09 -1.93 8.13
CA ALA A 156 -8.08 -1.50 7.13
C ALA A 156 -8.31 0.01 7.17
N GLY A 157 -7.24 0.76 7.29
CA GLY A 157 -7.31 2.22 7.22
C GLY A 157 -7.81 2.87 8.50
N GLN A 158 -7.85 2.08 9.58
CA GLN A 158 -8.27 2.58 10.87
C GLN A 158 -7.17 2.41 11.90
N ARG A 159 -6.92 3.48 12.62
CA ARG A 159 -5.88 3.48 13.67
C ARG A 159 -6.39 2.73 14.89
N ILE A 160 -5.63 1.74 15.39
CA ILE A 160 -6.05 0.86 16.50
C ILE A 160 -5.09 0.92 17.67
N ALA A 161 -3.88 1.47 17.50
CA ALA A 161 -2.93 1.64 18.61
C ALA A 161 -1.98 2.80 18.35
N GLU A 162 -1.73 3.60 19.38
CA GLU A 162 -0.68 4.61 19.36
C GLU A 162 0.12 4.53 20.67
N ALA A 163 1.44 4.63 20.56
CA ALA A 163 2.31 4.43 21.71
C ALA A 163 3.50 5.37 21.61
N LYS A 164 4.06 5.70 22.77
CA LYS A 164 5.35 6.38 22.84
C LYS A 164 6.04 5.90 24.09
N ILE A 165 7.36 5.75 23.99
CA ILE A 165 8.18 5.41 25.13
C ILE A 165 9.33 6.41 25.22
N THR A 166 9.85 6.56 26.43
CA THR A 166 11.00 7.40 26.73
C THR A 166 11.98 6.53 27.53
N LEU A 167 13.15 6.26 26.95
CA LEU A 167 14.14 5.38 27.57
C LEU A 167 14.81 6.04 28.77
N GLU A 168 15.16 5.22 29.77
CA GLU A 168 15.79 5.72 31.00
C GLU A 168 17.10 5.01 31.34
N GLN A 169 17.12 3.68 31.19
CA GLN A 169 18.29 2.89 31.61
C GLN A 169 18.33 1.50 30.94
N PRO A 170 19.49 0.81 31.01
CA PRO A 170 19.52 -0.53 30.39
C PRO A 170 18.62 -1.50 31.12
N VAL A 171 18.03 -2.44 30.40
CA VAL A 171 17.19 -3.48 31.01
C VAL A 171 18.07 -4.24 31.97
N PRO A 172 17.67 -4.31 33.25
CA PRO A 172 18.58 -4.98 34.19
C PRO A 172 18.81 -6.46 33.86
N ASP A 173 17.79 -7.13 33.35
CA ASP A 173 17.88 -8.57 33.11
C ASP A 173 17.39 -8.89 31.69
N PRO A 174 18.21 -8.61 30.66
CA PRO A 174 17.78 -8.77 29.27
C PRO A 174 17.28 -10.17 28.96
N ALA A 175 17.95 -11.16 29.52
CA ALA A 175 17.60 -12.56 29.31
C ALA A 175 16.14 -12.81 29.70
N ALA A 176 15.71 -12.16 30.78
CA ALA A 176 14.37 -12.38 31.33
C ALA A 176 13.25 -11.74 30.50
N LEU A 177 13.59 -10.87 29.55
CA LEU A 177 12.57 -10.23 28.73
C LEU A 177 11.65 -11.29 28.13
N MET A 178 10.35 -11.03 28.24
CA MET A 178 9.31 -11.94 27.76
C MET A 178 9.66 -13.41 28.10
N SER A 179 10.05 -13.64 29.34
CA SER A 179 10.29 -14.99 29.88
C SER A 179 9.05 -15.89 29.83
N ARG A 180 7.89 -15.28 29.77
CA ARG A 180 6.63 -16.03 29.63
C ARG A 180 6.52 -16.61 28.24
N PRO A 181 6.43 -17.94 28.12
CA PRO A 181 6.25 -18.50 26.79
C PRO A 181 4.92 -18.08 26.19
N VAL A 182 4.93 -17.83 24.90
CA VAL A 182 3.75 -17.37 24.20
C VAL A 182 2.89 -18.58 23.85
N ILE A 183 1.58 -18.44 24.05
CA ILE A 183 0.57 -19.43 23.71
C ILE A 183 -0.24 -18.92 22.53
N ASN A 184 -0.51 -19.81 21.58
CA ASN A 184 -1.25 -19.45 20.39
C ASN A 184 -2.25 -20.55 20.11
N LEU A 185 -3.01 -20.38 19.04
CA LEU A 185 -4.07 -21.30 18.70
C LEU A 185 -4.11 -21.53 17.20
N ARG A 186 -3.67 -22.71 16.77
CA ARG A 186 -3.75 -23.08 15.36
C ARG A 186 -5.19 -23.34 15.07
N HIS A 187 -5.71 -22.73 14.03
CA HIS A 187 -7.14 -22.80 13.78
C HIS A 187 -7.38 -22.70 12.30
N PHE A 188 -8.06 -23.70 11.75
CA PHE A 188 -8.37 -23.75 10.33
C PHE A 188 -9.76 -24.34 10.11
N PRO A 189 -10.75 -23.53 9.62
CA PRO A 189 -12.13 -24.03 9.58
C PRO A 189 -12.43 -24.99 8.45
N ARG A 190 -13.60 -25.61 8.54
CA ARG A 190 -14.17 -26.41 7.46
C ARG A 190 -15.28 -25.62 6.77
N LEU A 191 -15.43 -25.88 5.48
CA LEU A 191 -16.47 -25.20 4.68
C LEU A 191 -17.58 -26.15 4.21
N ALA A 192 -17.34 -27.45 4.26
CA ALA A 192 -18.38 -28.42 3.93
C ALA A 192 -19.67 -28.11 4.71
N ALA A 193 -20.81 -28.14 4.03
CA ALA A 193 -22.06 -27.80 4.67
C ALA A 193 -22.29 -28.69 5.87
N GLY A 194 -22.76 -28.09 6.96
CA GLY A 194 -22.98 -28.82 8.20
C GLY A 194 -21.77 -28.82 9.11
N GLN A 195 -20.59 -28.44 8.61
CA GLN A 195 -19.36 -28.51 9.39
C GLN A 195 -18.73 -27.14 9.69
N HIS A 196 -19.49 -26.07 9.49
CA HIS A 196 -18.93 -24.74 9.70
C HIS A 196 -18.51 -24.50 11.18
N ASP A 197 -19.05 -25.29 12.10
CA ASP A 197 -18.66 -25.16 13.51
C ASP A 197 -17.72 -26.29 13.93
N GLN A 198 -17.17 -27.00 12.96
CA GLN A 198 -16.31 -28.17 13.26
C GLN A 198 -14.97 -27.97 12.56
N PRO A 199 -14.11 -27.11 13.13
CA PRO A 199 -12.88 -26.78 12.41
C PRO A 199 -11.94 -28.00 12.19
N ALA A 200 -11.22 -28.01 11.07
CA ALA A 200 -10.32 -29.11 10.75
C ALA A 200 -9.09 -29.09 11.63
N VAL A 201 -8.61 -27.90 11.94
CA VAL A 201 -7.50 -27.73 12.87
C VAL A 201 -7.96 -26.81 14.00
N HIS A 202 -7.76 -27.22 15.23
CA HIS A 202 -8.11 -26.37 16.36
C HIS A 202 -7.33 -26.85 17.55
N GLU A 203 -6.18 -26.23 17.80
CA GLU A 203 -5.30 -26.74 18.82
C GLU A 203 -4.43 -25.66 19.45
N LEU A 204 -4.38 -25.69 20.77
CA LEU A 204 -3.56 -24.78 21.55
C LEU A 204 -2.10 -25.17 21.38
N VAL A 205 -1.26 -24.18 21.14
CA VAL A 205 0.16 -24.46 20.98
C VAL A 205 1.01 -23.50 21.81
N MET A 206 2.22 -23.93 22.16
CA MET A 206 3.22 -23.05 22.73
C MET A 206 4.31 -22.76 21.69
N SER A 207 4.61 -21.49 21.51
CA SER A 207 5.66 -21.08 20.60
C SER A 207 7.02 -21.64 21.08
N VAL A 208 7.78 -22.23 20.17
CA VAL A 208 9.13 -22.72 20.47
C VAL A 208 10.12 -21.92 19.67
N LEU A 209 11.10 -21.32 20.35
CA LEU A 209 12.11 -20.47 19.69
C LEU A 209 13.50 -21.02 19.88
N ASP A 210 14.30 -21.07 18.82
CA ASP A 210 15.68 -21.58 18.88
C ASP A 210 16.65 -20.43 18.91
N ASP A 211 17.67 -20.55 19.75
CA ASP A 211 18.85 -19.68 19.68
C ASP A 211 18.49 -18.23 19.95
N THR A 212 17.54 -18.02 20.84
CA THR A 212 17.05 -16.69 21.10
C THR A 212 18.19 -15.78 21.60
N ALA A 213 18.19 -14.54 21.16
CA ALA A 213 19.15 -13.56 21.66
C ALA A 213 18.51 -12.17 21.72
N VAL A 214 18.95 -11.38 22.70
CA VAL A 214 18.52 -10.02 22.88
C VAL A 214 19.75 -9.14 22.97
N SER A 215 19.67 -7.91 22.47
CA SER A 215 20.77 -6.98 22.58
C SER A 215 20.25 -5.53 22.64
N ASP A 216 21.09 -4.65 23.18
CA ASP A 216 20.78 -3.24 23.25
C ASP A 216 19.47 -2.97 23.98
N ALA A 217 19.25 -3.63 25.11
CA ALA A 217 17.94 -3.54 25.74
C ALA A 217 17.88 -2.35 26.70
N TRP A 218 16.84 -1.55 26.51
CA TRP A 218 16.58 -0.38 27.34
C TRP A 218 15.18 -0.43 27.90
N VAL A 219 15.00 0.18 29.07
CA VAL A 219 13.70 0.34 29.71
C VAL A 219 13.46 1.81 30.06
N GLY A 220 12.18 2.20 30.08
CA GLY A 220 11.77 3.54 30.48
C GLY A 220 10.28 3.63 30.71
N THR A 221 9.72 4.80 30.42
CA THR A 221 8.33 5.08 30.64
C THR A 221 7.55 4.89 29.34
N ALA A 222 6.23 4.90 29.42
CA ALA A 222 5.42 4.57 28.25
C ALA A 222 4.03 5.16 28.34
N ASP A 223 3.51 5.50 27.17
CA ASP A 223 2.13 5.91 26.93
C ASP A 223 1.57 4.99 25.87
N LEU A 224 0.30 4.60 26.01
CA LEU A 224 -0.32 3.65 25.06
C LEU A 224 -1.83 3.81 25.12
N ALA A 225 -2.48 3.78 23.96
CA ALA A 225 -3.91 3.64 23.90
C ALA A 225 -4.29 2.74 22.73
N PHE A 226 -5.37 2.01 22.91
CA PHE A 226 -5.98 1.24 21.83
C PHE A 226 -7.22 2.03 21.42
N LEU A 227 -7.49 2.07 20.13
CA LEU A 227 -8.61 2.86 19.63
C LEU A 227 -9.67 1.94 19.08
N PRO A 228 -10.96 2.20 19.42
CA PRO A 228 -12.07 1.49 18.74
C PRO A 228 -11.99 1.58 17.22
N ALA A 229 -12.24 0.45 16.55
CA ALA A 229 -12.29 0.40 15.09
C ALA A 229 -13.35 -0.62 14.68
N HIS A 230 -14.03 -0.37 13.58
CA HIS A 230 -14.95 -1.35 13.00
C HIS A 230 -14.21 -2.68 12.70
N GLY A 231 -14.79 -3.81 13.07
CA GLY A 231 -14.20 -5.11 12.73
C GLY A 231 -12.96 -5.48 13.54
N GLU A 232 -12.75 -4.79 14.65
CA GLU A 232 -11.64 -5.09 15.56
C GLU A 232 -12.16 -5.13 16.99
N GLU A 233 -11.47 -5.86 17.88
CA GLU A 233 -11.86 -5.92 19.28
C GLU A 233 -10.69 -5.57 20.19
N LEU A 234 -9.58 -5.10 19.62
CA LEU A 234 -8.44 -4.78 20.44
C LEU A 234 -8.79 -3.76 21.53
N ALA A 235 -9.50 -2.71 21.15
CA ALA A 235 -9.84 -1.64 22.11
C ALA A 235 -10.82 -2.08 23.19
N ASP A 236 -11.29 -3.32 23.15
CA ASP A 236 -12.14 -3.88 24.19
C ASP A 236 -11.25 -4.42 25.32
N LEU A 237 -9.94 -4.24 25.18
CA LEU A 237 -8.97 -4.43 26.24
C LEU A 237 -8.39 -3.09 26.57
N PRO A 238 -9.23 -2.20 27.12
CA PRO A 238 -8.82 -0.80 27.32
C PRO A 238 -7.58 -0.65 28.19
N VAL A 239 -6.70 0.26 27.83
CA VAL A 239 -5.53 0.51 28.66
C VAL A 239 -5.97 1.38 29.83
N ARG A 240 -5.96 0.79 31.01
CA ARG A 240 -6.31 1.50 32.22
C ARG A 240 -5.07 2.25 32.75
N ARG A 241 -3.91 1.65 32.55
CA ARG A 241 -2.65 2.26 32.95
C ARG A 241 -1.52 1.56 32.21
N THR A 242 -0.40 2.25 32.08
CA THR A 242 0.78 1.73 31.42
C THR A 242 1.86 1.48 32.44
N GLY A 243 2.68 0.48 32.18
CA GLY A 243 3.85 0.25 33.00
C GLY A 243 5.09 0.65 32.22
N LYS A 244 6.07 -0.25 32.18
CA LYS A 244 7.34 0.00 31.56
C LYS A 244 7.23 0.09 30.05
N GLY A 245 8.06 0.94 29.47
CA GLY A 245 8.35 0.89 28.05
C GLY A 245 9.70 0.22 27.82
N PHE A 246 9.82 -0.45 26.68
CA PHE A 246 10.98 -1.29 26.38
C PHE A 246 11.46 -1.04 24.97
N HIS A 247 12.77 -1.12 24.78
CA HIS A 247 13.32 -1.08 23.44
C HIS A 247 14.45 -2.08 23.39
N PHE A 248 14.41 -3.03 22.45
CA PHE A 248 15.52 -4.02 22.32
C PHE A 248 15.54 -4.71 20.96
N ASP A 249 16.73 -5.15 20.55
CA ASP A 249 16.86 -6.07 19.42
C ASP A 249 16.57 -7.52 19.94
N LEU A 250 15.90 -8.27 19.08
CA LEU A 250 15.51 -9.66 19.30
C LEU A 250 15.82 -10.48 18.06
N ALA A 251 16.41 -11.66 18.24
CA ALA A 251 16.62 -12.62 17.18
C ALA A 251 16.29 -14.03 17.67
N TYR A 252 15.68 -14.81 16.79
CA TYR A 252 15.51 -16.24 17.01
C TYR A 252 15.26 -16.97 15.71
N THR A 253 15.21 -18.29 15.84
CA THR A 253 14.94 -19.20 14.73
C THR A 253 13.76 -20.09 15.08
N VAL A 254 12.89 -20.34 14.10
CA VAL A 254 11.74 -21.25 14.30
C VAL A 254 11.90 -22.53 13.49
N THR A 255 11.86 -23.68 14.18
CA THR A 255 11.87 -24.98 13.52
C THR A 255 10.84 -25.96 14.05
N ASP A 256 10.17 -25.59 15.12
CA ASP A 256 9.37 -26.50 15.91
C ASP A 256 8.16 -25.75 16.43
N LEU A 257 7.20 -26.48 16.99
CA LEU A 257 6.02 -25.90 17.64
C LEU A 257 5.51 -26.95 18.57
N MET A 258 5.17 -26.56 19.80
CA MET A 258 4.65 -27.55 20.74
C MET A 258 3.13 -27.53 20.82
N THR A 259 2.51 -28.62 20.39
CA THR A 259 1.09 -28.79 20.60
C THR A 259 0.78 -29.14 22.04
N LEU A 260 -0.02 -28.29 22.67
CA LEU A 260 -0.48 -28.53 24.03
C LEU A 260 -1.72 -29.42 24.05
N MET B 1 14.94 17.44 -23.56
CA MET B 1 14.06 17.48 -22.35
C MET B 1 12.62 17.75 -22.77
N LYS B 2 11.75 16.83 -22.36
CA LYS B 2 10.34 16.81 -22.75
C LYS B 2 9.50 16.44 -21.54
N GLY B 3 8.21 16.73 -21.56
CA GLY B 3 7.33 16.35 -20.46
C GLY B 3 6.44 17.50 -20.01
N TYR B 4 5.36 17.20 -19.30
CA TYR B 4 4.46 18.24 -18.83
C TYR B 4 4.72 18.50 -17.34
N THR B 5 4.56 17.49 -16.50
CA THR B 5 4.97 17.58 -15.10
C THR B 5 6.34 16.95 -14.95
N VAL B 6 6.96 17.08 -13.78
CA VAL B 6 8.17 16.32 -13.48
C VAL B 6 7.82 14.84 -13.38
N PRO B 7 8.79 13.95 -13.60
CA PRO B 7 10.13 14.24 -14.11
C PRO B 7 10.08 14.59 -15.59
N LEU B 8 10.77 15.65 -16.00
CA LEU B 8 10.98 15.85 -17.41
C LEU B 8 12.05 14.84 -17.86
N SER B 9 12.03 14.46 -19.13
CA SER B 9 12.81 13.32 -19.59
C SER B 9 13.06 13.36 -21.09
N PRO B 10 13.93 12.46 -21.58
CA PRO B 10 14.23 12.50 -23.01
C PRO B 10 13.02 12.21 -23.90
N ARG B 11 12.13 11.33 -23.44
CA ARG B 11 11.02 10.87 -24.29
C ARG B 11 9.65 11.43 -23.86
N GLY B 12 9.59 12.08 -22.71
CA GLY B 12 8.34 12.64 -22.22
C GLY B 12 7.33 11.59 -21.78
N ILE B 13 7.81 10.46 -21.28
CA ILE B 13 6.96 9.35 -20.85
C ILE B 13 6.99 9.24 -19.32
N ALA B 14 8.16 9.53 -18.75
CA ALA B 14 8.36 9.39 -17.31
C ALA B 14 7.54 10.36 -16.47
N ASN B 15 7.12 11.49 -17.06
CA ASN B 15 6.37 12.51 -16.32
C ASN B 15 5.14 11.91 -15.66
N LEU B 16 4.86 12.35 -14.43
CA LEU B 16 3.68 11.87 -13.69
C LEU B 16 2.41 12.09 -14.48
N ALA B 17 2.29 13.24 -15.14
CA ALA B 17 1.18 13.50 -16.05
C ALA B 17 1.66 14.22 -17.31
N PRO B 18 1.17 13.77 -18.48
CA PRO B 18 1.50 14.48 -19.71
C PRO B 18 0.58 15.68 -19.84
N ALA B 19 0.71 16.43 -20.93
CA ALA B 19 -0.14 17.59 -21.15
C ALA B 19 -1.58 17.16 -21.37
N PRO B 20 -2.53 18.07 -21.08
CA PRO B 20 -3.91 17.82 -21.49
C PRO B 20 -4.01 17.54 -22.99
N PRO B 21 -5.14 16.98 -23.42
CA PRO B 21 -6.38 16.81 -22.65
C PRO B 21 -6.35 15.70 -21.60
N TRP B 22 -6.97 15.94 -20.46
CA TRP B 22 -7.21 14.89 -19.47
C TRP B 22 -8.70 14.53 -19.43
N HIS B 23 -9.01 13.26 -19.67
CA HIS B 23 -10.39 12.80 -19.73
C HIS B 23 -10.71 11.99 -18.48
N TYR B 24 -11.91 12.16 -17.97
CA TYR B 24 -12.34 11.45 -16.76
C TYR B 24 -13.73 10.81 -16.93
N ALA B 25 -13.85 9.61 -16.41
CA ALA B 25 -15.13 8.94 -16.24
C ALA B 25 -15.18 8.42 -14.80
N GLY B 26 -16.27 8.70 -14.10
CA GLY B 26 -16.34 8.34 -12.70
C GLY B 26 -17.73 8.07 -12.15
N THR B 27 -17.77 7.42 -11.00
CA THR B 27 -19.01 7.19 -10.29
C THR B 27 -18.93 7.81 -8.90
N VAL B 28 -19.93 8.63 -8.56
CA VAL B 28 -19.93 9.46 -7.36
C VAL B 28 -20.95 8.99 -6.35
N VAL B 29 -20.49 8.79 -5.12
CA VAL B 29 -21.36 8.67 -3.97
C VAL B 29 -21.18 9.96 -3.18
N GLY B 30 -22.24 10.71 -2.99
CA GLY B 30 -22.10 12.03 -2.42
C GLY B 30 -23.10 12.40 -1.34
N VAL B 31 -22.71 13.32 -0.47
CA VAL B 31 -23.53 13.71 0.67
C VAL B 31 -23.51 15.22 0.85
N GLU B 32 -24.70 15.81 0.77
CA GLU B 32 -24.90 17.18 1.17
C GLU B 32 -24.85 17.23 2.70
N PHE B 33 -24.10 18.19 3.23
CA PHE B 33 -23.97 18.33 4.67
C PHE B 33 -23.96 19.80 5.05
N PHE B 34 -24.12 20.07 6.34
CA PHE B 34 -24.14 21.42 6.84
C PHE B 34 -23.27 21.47 8.08
N THR B 35 -22.31 22.39 8.07
CA THR B 35 -21.40 22.61 9.20
C THR B 35 -21.62 24.02 9.71
N ASP B 36 -20.88 24.41 10.76
CA ASP B 36 -20.98 25.77 11.28
C ASP B 36 -20.57 26.78 10.20
N PRO B 37 -21.40 27.80 9.96
CA PRO B 37 -20.99 28.78 8.95
C PRO B 37 -19.60 29.35 9.22
N ALA B 38 -19.28 29.59 10.48
CA ALA B 38 -18.01 30.22 10.82
C ALA B 38 -16.84 29.28 10.53
N ALA B 39 -17.03 27.98 10.69
CA ALA B 39 -15.96 27.03 10.46
C ALA B 39 -15.69 26.93 8.96
N ALA B 40 -16.76 26.93 8.17
CA ALA B 40 -16.61 26.96 6.72
C ALA B 40 -15.87 28.24 6.31
N ALA B 41 -16.30 29.37 6.85
CA ALA B 41 -15.70 30.65 6.48
C ALA B 41 -14.21 30.70 6.82
N ALA B 42 -13.80 29.97 7.86
CA ALA B 42 -12.40 29.95 8.30
C ALA B 42 -11.49 29.32 7.26
N THR B 43 -12.05 28.44 6.41
CA THR B 43 -11.25 27.78 5.36
C THR B 43 -11.12 28.60 4.09
N LEU B 44 -11.86 29.71 3.98
CA LEU B 44 -11.96 30.40 2.68
C LEU B 44 -10.72 31.24 2.37
N PRO B 45 -10.22 31.16 1.12
CA PRO B 45 -9.16 32.06 0.65
C PRO B 45 -9.65 33.50 0.54
N GLU B 46 -8.71 34.44 0.57
CA GLU B 46 -9.03 35.86 0.59
C GLU B 46 -10.09 36.29 -0.43
N GLY B 47 -10.04 35.76 -1.64
CA GLY B 47 -10.94 36.20 -2.69
C GLY B 47 -12.39 35.73 -2.61
N LEU B 48 -12.69 34.83 -1.67
CA LEU B 48 -14.04 34.30 -1.56
C LEU B 48 -14.75 34.87 -0.34
N THR B 49 -16.07 34.89 -0.42
CA THR B 49 -16.89 35.42 0.66
C THR B 49 -17.94 34.39 1.08
N PRO B 50 -18.40 34.48 2.33
CA PRO B 50 -19.46 33.57 2.76
C PRO B 50 -20.70 33.62 1.86
N ASP B 51 -21.29 32.45 1.62
CA ASP B 51 -22.51 32.43 0.81
C ASP B 51 -23.65 33.07 1.63
N PRO B 52 -24.29 34.13 1.09
CA PRO B 52 -25.30 34.82 1.89
C PRO B 52 -26.51 33.96 2.22
N ASP B 53 -26.75 32.90 1.44
CA ASP B 53 -27.99 32.14 1.53
C ASP B 53 -27.79 30.77 2.15
N SER B 54 -26.62 30.17 1.91
CA SER B 54 -26.37 28.80 2.32
C SER B 54 -25.01 28.59 2.99
N ALA B 55 -24.54 29.61 3.71
CA ALA B 55 -23.26 29.50 4.42
C ALA B 55 -23.30 28.30 5.37
N GLY B 56 -22.25 27.49 5.35
CA GLY B 56 -22.19 26.27 6.13
C GLY B 56 -22.54 25.03 5.35
N ARG B 57 -23.14 25.18 4.18
CA ARG B 57 -23.47 24.03 3.36
C ARG B 57 -22.20 23.55 2.72
N GLY B 58 -22.09 22.24 2.55
CA GLY B 58 -21.02 21.67 1.78
C GLY B 58 -21.46 20.36 1.14
N VAL B 59 -20.55 19.79 0.38
CA VAL B 59 -20.82 18.51 -0.27
C VAL B 59 -19.62 17.63 -0.07
N ALA B 60 -19.84 16.40 0.40
CA ALA B 60 -18.78 15.41 0.49
C ALA B 60 -18.93 14.38 -0.64
N MET B 61 -17.86 14.14 -1.40
CA MET B 61 -17.94 13.21 -2.53
C MET B 61 -16.84 12.18 -2.47
N PHE B 62 -17.24 10.94 -2.73
CA PHE B 62 -16.36 9.81 -2.90
C PHE B 62 -16.48 9.34 -4.34
N ILE B 63 -15.37 9.26 -5.08
CA ILE B 63 -15.43 9.01 -6.50
C ILE B 63 -14.48 7.90 -6.95
N ASP B 64 -15.00 6.95 -7.71
CA ASP B 64 -14.18 5.99 -8.44
C ASP B 64 -13.93 6.48 -9.85
N TRP B 65 -12.72 6.98 -10.10
CA TRP B 65 -12.33 7.62 -11.33
C TRP B 65 -11.53 6.72 -12.22
N GLN B 66 -11.71 6.95 -13.50
CA GLN B 66 -10.86 6.39 -14.50
C GLN B 66 -10.42 7.53 -15.38
N TYR B 67 -9.11 7.68 -15.51
CA TYR B 67 -8.53 8.73 -16.35
C TYR B 67 -8.03 8.20 -17.70
N SER B 68 -8.04 9.05 -18.72
CA SER B 68 -7.32 8.76 -19.96
C SER B 68 -6.87 10.05 -20.65
N SER B 69 -5.94 9.93 -21.57
CA SER B 69 -5.59 11.08 -22.40
C SER B 69 -5.84 10.76 -23.85
N THR B 70 -4.89 11.02 -24.73
CA THR B 70 -5.12 10.87 -26.15
C THR B 70 -4.75 9.50 -26.73
N GLY B 71 -4.32 8.59 -25.86
CA GLY B 71 -3.80 7.29 -26.29
C GLY B 71 -4.33 6.03 -25.60
N LEU B 72 -5.60 6.04 -25.19
CA LEU B 72 -6.23 4.90 -24.52
C LEU B 72 -5.47 4.46 -23.26
N GLU B 73 -5.01 5.45 -22.50
CA GLU B 73 -4.37 5.22 -21.22
C GLU B 73 -5.26 4.44 -20.24
N TYR B 74 -6.59 4.52 -20.41
CA TYR B 74 -7.45 3.73 -19.54
C TYR B 74 -7.22 2.22 -19.71
N LEU B 75 -6.49 1.82 -20.76
CA LEU B 75 -6.05 0.42 -20.87
C LEU B 75 -4.90 0.05 -19.91
N ASP B 76 -4.43 1.02 -19.13
CA ASP B 76 -3.41 0.78 -18.11
C ASP B 76 -3.98 1.14 -16.73
N PRO B 77 -4.93 0.33 -16.24
CA PRO B 77 -5.63 0.73 -15.00
C PRO B 77 -4.71 0.88 -13.78
N ALA B 78 -3.54 0.23 -13.77
CA ALA B 78 -2.63 0.36 -12.65
C ALA B 78 -2.18 1.81 -12.51
N ARG B 79 -2.23 2.57 -13.59
CA ARG B 79 -1.93 4.00 -13.54
C ARG B 79 -3.14 4.91 -13.65
N SER B 80 -4.10 4.51 -14.47
CA SER B 80 -5.16 5.43 -14.85
C SER B 80 -6.32 5.47 -13.90
N GLN B 81 -6.49 4.44 -13.07
CA GLN B 81 -7.60 4.41 -12.12
C GLN B 81 -7.21 4.93 -10.74
N TYR B 82 -8.12 5.67 -10.12
CA TYR B 82 -7.87 6.15 -8.77
C TYR B 82 -9.18 6.46 -8.10
N ARG B 83 -9.14 6.46 -6.77
N ARG B 83 -9.11 6.58 -6.78
CA ARG B 83 -10.29 6.79 -5.93
CA ARG B 83 -10.27 6.83 -5.94
C ARG B 83 -10.01 8.17 -5.32
C ARG B 83 -10.02 8.09 -5.12
N GLU B 84 -11.07 8.90 -4.99
CA GLU B 84 -10.95 10.26 -4.55
C GLU B 84 -12.03 10.60 -3.54
N PHE B 85 -11.62 11.26 -2.47
CA PHE B 85 -12.54 11.89 -1.55
C PHE B 85 -12.26 13.40 -1.44
N LEU B 86 -13.31 14.20 -1.55
CA LEU B 86 -13.18 15.66 -1.44
C LEU B 86 -14.40 16.24 -0.75
N ILE B 87 -14.25 17.45 -0.21
CA ILE B 87 -15.42 18.20 0.18
C ILE B 87 -15.34 19.54 -0.54
N THR B 88 -16.49 20.14 -0.80
CA THR B 88 -16.56 21.54 -1.17
C THR B 88 -17.47 22.26 -0.18
N LEU B 89 -17.27 23.56 -0.06
CA LEU B 89 -18.09 24.41 0.80
C LEU B 89 -18.72 25.53 -0.05
N ASP B 90 -20.00 25.75 0.15
CA ASP B 90 -20.68 26.87 -0.52
C ASP B 90 -19.99 28.16 -0.12
N ALA B 91 -19.77 29.00 -1.11
CA ALA B 91 -19.22 30.34 -0.89
C ALA B 91 -19.69 31.24 -2.03
N HIS B 92 -19.29 32.50 -2.00
CA HIS B 92 -19.56 33.42 -3.09
C HIS B 92 -18.27 33.98 -3.65
N CYS B 93 -18.29 34.21 -4.95
CA CYS B 93 -17.24 34.94 -5.65
C CYS B 93 -17.92 36.06 -6.40
N ASN B 94 -17.75 37.28 -5.92
CA ASN B 94 -18.36 38.44 -6.55
C ASN B 94 -19.86 38.23 -6.80
N GLY B 95 -20.57 37.78 -5.76
CA GLY B 95 -22.01 37.67 -5.81
C GLY B 95 -22.53 36.43 -6.50
N ALA B 96 -21.62 35.61 -7.01
CA ALA B 96 -22.02 34.41 -7.75
C ALA B 96 -21.72 33.14 -6.95
N PRO B 97 -22.65 32.18 -6.96
CA PRO B 97 -22.46 30.97 -6.14
C PRO B 97 -21.33 30.08 -6.64
N VAL B 98 -20.42 29.69 -5.75
CA VAL B 98 -19.32 28.81 -6.12
C VAL B 98 -19.10 27.74 -5.06
N ALA B 99 -18.22 26.79 -5.35
CA ALA B 99 -17.88 25.73 -4.41
C ALA B 99 -16.37 25.68 -4.17
N TRP B 100 -15.96 26.10 -2.98
CA TRP B 100 -14.58 26.08 -2.56
C TRP B 100 -14.17 24.70 -2.08
N CYS B 101 -13.02 24.25 -2.57
CA CYS B 101 -12.48 22.95 -2.19
C CYS B 101 -11.28 23.09 -1.25
N PRO B 102 -11.47 22.79 0.05
CA PRO B 102 -10.32 22.94 0.95
C PRO B 102 -9.45 21.69 1.12
N TYR B 103 -10.06 20.51 1.01
CA TYR B 103 -9.38 19.24 1.28
C TYR B 103 -9.88 18.21 0.29
N ILE B 104 -8.95 17.35 -0.13
CA ILE B 104 -9.20 16.33 -1.14
C ILE B 104 -8.07 15.31 -1.06
N TYR B 105 -8.44 14.04 -1.22
CA TYR B 105 -7.51 12.92 -1.05
C TYR B 105 -7.66 11.94 -2.20
N VAL B 106 -6.54 11.43 -2.70
CA VAL B 106 -6.56 10.48 -3.80
C VAL B 106 -5.56 9.34 -3.52
N ASP B 107 -5.71 8.23 -4.21
CA ASP B 107 -4.83 7.10 -3.95
C ASP B 107 -3.84 6.85 -5.08
N ASN B 108 -3.51 7.92 -5.81
CA ASN B 108 -2.70 7.82 -7.02
C ASN B 108 -1.77 9.02 -7.19
N ASP B 109 -0.48 8.80 -7.42
CA ASP B 109 0.45 9.94 -7.48
C ASP B 109 0.25 10.79 -8.74
N ALA B 110 -0.08 10.17 -9.87
CA ALA B 110 -0.46 10.92 -11.08
C ALA B 110 -1.64 11.86 -10.82
N ALA B 111 -2.65 11.37 -10.11
CA ALA B 111 -3.80 12.21 -9.79
C ALA B 111 -3.37 13.37 -8.89
N MET B 112 -2.52 13.07 -7.93
CA MET B 112 -2.04 14.10 -7.02
C MET B 112 -1.34 15.19 -7.83
N ALA B 113 -0.49 14.81 -8.77
CA ALA B 113 0.18 15.82 -9.58
C ALA B 113 -0.80 16.64 -10.43
N ARG B 114 -1.73 15.97 -11.12
CA ARG B 114 -2.74 16.65 -11.94
C ARG B 114 -3.57 17.60 -11.09
N GLY B 115 -3.86 17.16 -9.87
CA GLY B 115 -4.60 17.95 -8.92
C GLY B 115 -3.87 19.24 -8.58
N TRP B 116 -2.61 19.12 -8.15
CA TRP B 116 -1.85 20.31 -7.78
C TRP B 116 -1.82 21.34 -8.90
N VAL B 117 -1.67 20.87 -10.13
CA VAL B 117 -1.65 21.76 -11.28
C VAL B 117 -2.99 22.48 -11.41
N GLN B 118 -4.10 21.80 -11.11
CA GLN B 118 -5.40 22.45 -11.16
C GLN B 118 -5.69 23.30 -9.92
N GLY B 119 -4.84 23.20 -8.89
CA GLY B 119 -5.10 23.86 -7.63
C GLY B 119 -5.91 23.02 -6.64
N PHE B 120 -6.22 21.76 -6.98
CA PHE B 120 -6.81 20.82 -6.00
C PHE B 120 -5.71 20.44 -5.01
N PRO B 121 -5.94 20.65 -3.71
CA PRO B 121 -4.87 20.44 -2.73
C PRO B 121 -4.74 18.98 -2.29
N LYS B 122 -4.43 18.13 -3.25
CA LYS B 122 -4.48 16.70 -3.03
C LYS B 122 -3.37 16.17 -2.12
N LYS B 123 -3.79 15.33 -1.18
CA LYS B 123 -2.90 14.48 -0.41
C LYS B 123 -3.25 13.04 -0.71
N LEU B 124 -2.39 12.11 -0.32
CA LEU B 124 -2.70 10.69 -0.53
C LEU B 124 -3.63 10.25 0.56
N GLY B 125 -4.57 9.41 0.18
CA GLY B 125 -5.43 8.71 1.12
C GLY B 125 -6.00 7.44 0.51
N ALA B 126 -6.73 6.68 1.32
CA ALA B 126 -7.39 5.47 0.90
C ALA B 126 -8.89 5.69 0.94
N VAL B 127 -9.50 5.59 -0.25
CA VAL B 127 -10.90 5.89 -0.46
C VAL B 127 -11.62 4.66 -1.06
N HIS B 128 -12.82 4.39 -0.58
CA HIS B 128 -13.63 3.28 -1.07
C HIS B 128 -15.12 3.63 -1.06
N GLN B 129 -15.84 3.09 -2.05
CA GLN B 129 -17.30 3.22 -2.12
C GLN B 129 -17.91 1.90 -2.54
N THR B 130 -19.07 1.58 -1.97
CA THR B 130 -19.88 0.47 -2.44
C THR B 130 -20.17 0.63 -3.92
N ARG B 131 -20.04 -0.47 -4.67
CA ARG B 131 -20.30 -0.49 -6.11
C ARG B 131 -21.62 -1.23 -6.43
N ALA B 132 -22.32 -0.77 -7.46
CA ALA B 132 -23.49 -1.44 -7.94
C ALA B 132 -23.13 -2.27 -9.18
N TYR B 133 -23.45 -3.56 -9.15
CA TYR B 133 -23.25 -4.43 -10.30
C TYR B 133 -24.57 -4.82 -10.96
N SER B 134 -24.60 -4.81 -12.29
CA SER B 134 -25.84 -5.06 -13.01
C SER B 134 -26.34 -6.51 -12.87
N VAL B 135 -25.43 -7.45 -12.62
CA VAL B 135 -25.85 -8.85 -12.48
C VAL B 135 -26.82 -8.98 -11.29
N GLY B 136 -26.62 -8.14 -10.28
CA GLY B 136 -27.46 -8.13 -9.10
C GLY B 136 -27.19 -9.28 -8.15
N GLY B 137 -28.05 -9.45 -7.15
CA GLY B 137 -27.86 -10.50 -6.16
C GLY B 137 -27.42 -9.93 -4.82
N PRO B 138 -27.21 -10.81 -3.81
CA PRO B 138 -26.93 -10.37 -2.44
C PRO B 138 -25.53 -9.75 -2.24
N GLY B 139 -24.71 -9.77 -3.28
CA GLY B 139 -23.39 -9.16 -3.20
C GLY B 139 -23.38 -7.71 -3.60
N THR B 140 -24.55 -7.18 -4.01
CA THR B 140 -24.61 -5.82 -4.52
C THR B 140 -25.93 -5.11 -4.18
N PRO B 141 -25.87 -3.80 -3.92
CA PRO B 141 -27.13 -3.06 -3.86
C PRO B 141 -27.70 -2.91 -5.26
N VAL B 142 -28.99 -2.61 -5.32
CA VAL B 142 -29.64 -2.18 -6.57
C VAL B 142 -29.33 -0.71 -6.80
N LEU B 143 -29.07 -0.34 -8.05
CA LEU B 143 -28.92 1.07 -8.38
C LEU B 143 -30.31 1.60 -8.69
N GLY B 144 -31.03 1.97 -7.62
CA GLY B 144 -32.42 2.35 -7.69
C GLY B 144 -33.02 2.41 -6.29
N PRO B 145 -34.35 2.50 -6.20
CA PRO B 145 -34.91 2.74 -4.86
C PRO B 145 -34.51 1.68 -3.81
N GLY B 146 -34.14 2.12 -2.62
CA GLY B 146 -33.71 1.24 -1.55
C GLY B 146 -32.24 0.84 -1.55
N GLY B 147 -31.55 1.07 -2.67
CA GLY B 147 -30.13 0.84 -2.73
C GLY B 147 -29.32 1.59 -1.68
N GLN B 148 -28.54 0.85 -0.89
CA GLN B 148 -27.68 1.42 0.14
C GLN B 148 -26.21 1.37 -0.28
N PHE B 149 -25.51 2.50 -0.13
CA PHE B 149 -24.13 2.63 -0.55
C PHE B 149 -23.32 3.22 0.57
N GLY B 150 -22.22 2.56 0.91
CA GLY B 150 -21.32 3.05 1.94
C GLY B 150 -20.07 3.66 1.35
N ALA B 151 -19.40 4.53 2.10
CA ALA B 151 -18.13 5.00 1.63
C ALA B 151 -17.25 5.49 2.76
N THR B 152 -15.94 5.43 2.55
CA THR B 152 -14.99 5.76 3.61
C THR B 152 -13.75 6.41 3.01
N ALA B 153 -13.06 7.19 3.83
CA ALA B 153 -11.81 7.81 3.47
C ALA B 153 -10.86 7.78 4.65
N SER B 154 -9.60 7.41 4.41
CA SER B 154 -8.54 7.46 5.39
C SER B 154 -7.33 8.21 4.87
N SER B 155 -6.52 8.70 5.80
CA SER B 155 -5.25 9.36 5.47
C SER B 155 -4.20 9.02 6.52
N ALA B 156 -3.05 8.58 6.04
CA ALA B 156 -1.94 8.12 6.86
C ALA B 156 -2.45 7.12 7.91
N GLY B 157 -3.31 6.21 7.47
CA GLY B 157 -3.76 5.12 8.31
C GLY B 157 -4.78 5.54 9.35
N GLN B 158 -5.40 6.69 9.14
CA GLN B 158 -6.44 7.19 10.04
C GLN B 158 -7.70 7.45 9.27
N ARG B 159 -8.83 7.00 9.80
CA ARG B 159 -10.10 7.21 9.14
C ARG B 159 -10.53 8.69 9.38
N ILE B 160 -10.96 9.37 8.31
CA ILE B 160 -11.36 10.78 8.40
C ILE B 160 -12.83 11.01 8.00
N ALA B 161 -13.40 10.14 7.18
CA ALA B 161 -14.81 10.24 6.84
C ALA B 161 -15.42 8.86 6.61
N GLU B 162 -16.65 8.74 7.09
CA GLU B 162 -17.50 7.59 6.83
C GLU B 162 -18.90 8.08 6.46
N ALA B 163 -19.44 7.50 5.40
CA ALA B 163 -20.75 7.89 4.90
C ALA B 163 -21.57 6.69 4.43
N LYS B 164 -22.88 6.88 4.41
CA LYS B 164 -23.82 5.92 3.86
C LYS B 164 -24.96 6.69 3.21
N ILE B 165 -25.46 6.20 2.07
CA ILE B 165 -26.63 6.78 1.45
C ILE B 165 -27.63 5.69 1.12
N THR B 166 -28.91 6.07 1.08
CA THR B 166 -30.01 5.20 0.65
C THR B 166 -30.77 5.88 -0.47
N LEU B 167 -30.76 5.28 -1.64
CA LEU B 167 -31.39 5.93 -2.77
C LEU B 167 -32.92 5.84 -2.71
N GLU B 168 -33.59 6.87 -3.20
CA GLU B 168 -35.05 6.92 -3.20
C GLU B 168 -35.65 7.21 -4.57
N GLN B 169 -35.12 8.21 -5.27
CA GLN B 169 -35.71 8.58 -6.55
C GLN B 169 -34.64 8.97 -7.58
N PRO B 170 -34.97 8.82 -8.88
CA PRO B 170 -34.07 9.20 -9.97
C PRO B 170 -34.09 10.71 -10.07
N VAL B 171 -33.07 11.33 -10.63
CA VAL B 171 -32.99 12.77 -10.53
C VAL B 171 -33.80 13.42 -11.65
N PRO B 172 -34.71 14.35 -11.27
CA PRO B 172 -35.51 15.09 -12.24
C PRO B 172 -34.72 16.17 -12.98
N SER B 179 -23.54 23.43 -11.46
CA SER B 179 -24.11 24.77 -11.53
C SER B 179 -23.38 25.72 -10.60
N ARG B 180 -22.64 25.13 -9.66
CA ARG B 180 -21.77 25.88 -8.74
C ARG B 180 -20.34 25.54 -9.10
N PRO B 181 -19.64 26.42 -9.81
CA PRO B 181 -18.27 26.05 -10.18
C PRO B 181 -17.33 25.86 -8.99
N VAL B 182 -16.36 24.97 -9.14
CA VAL B 182 -15.43 24.67 -8.05
C VAL B 182 -14.27 25.69 -8.13
N ILE B 183 -13.89 26.21 -6.97
CA ILE B 183 -12.80 27.17 -6.86
C ILE B 183 -11.67 26.50 -6.13
N ASN B 184 -10.46 26.74 -6.62
CA ASN B 184 -9.27 26.15 -6.06
C ASN B 184 -8.19 27.20 -5.91
N LEU B 185 -7.08 26.78 -5.32
CA LEU B 185 -5.92 27.65 -5.14
C LEU B 185 -4.65 26.95 -5.59
N ARG B 186 -4.16 27.34 -6.77
CA ARG B 186 -2.84 26.93 -7.22
C ARG B 186 -1.80 27.54 -6.29
N HIS B 187 -0.95 26.70 -5.70
CA HIS B 187 -0.01 27.14 -4.68
C HIS B 187 1.25 26.31 -4.74
N PHE B 188 2.37 26.98 -4.90
CA PHE B 188 3.66 26.31 -4.97
C PHE B 188 4.70 27.17 -4.26
N PRO B 189 5.22 26.69 -3.12
CA PRO B 189 6.07 27.55 -2.29
C PRO B 189 7.50 27.73 -2.80
N ARG B 190 8.23 28.61 -2.16
CA ARG B 190 9.66 28.83 -2.40
C ARG B 190 10.43 28.30 -1.21
N LEU B 191 11.66 27.85 -1.46
CA LEU B 191 12.49 27.24 -0.43
C LEU B 191 13.74 28.10 -0.19
N ALA B 192 14.02 29.04 -1.08
CA ALA B 192 15.15 29.96 -0.87
C ALA B 192 14.99 30.63 0.48
N ALA B 193 16.09 30.73 1.23
CA ALA B 193 16.07 31.33 2.56
C ALA B 193 15.50 32.75 2.52
N GLY B 194 14.60 33.04 3.46
CA GLY B 194 13.99 34.36 3.52
C GLY B 194 12.70 34.44 2.71
N GLN B 195 12.44 33.40 1.92
CA GLN B 195 11.30 33.40 0.98
C GLN B 195 10.24 32.37 1.33
N HIS B 196 10.31 31.75 2.52
CA HIS B 196 9.40 30.65 2.79
C HIS B 196 7.94 31.10 2.95
N ASP B 197 7.74 32.41 3.09
CA ASP B 197 6.40 32.99 3.17
C ASP B 197 5.99 33.67 1.85
N GLN B 198 6.81 33.48 0.81
CA GLN B 198 6.61 34.16 -0.47
C GLN B 198 6.49 33.13 -1.59
N PRO B 199 5.34 32.46 -1.69
CA PRO B 199 5.19 31.39 -2.68
C PRO B 199 5.40 31.85 -4.13
N ALA B 200 5.95 30.99 -4.98
CA ALA B 200 6.19 31.32 -6.37
C ALA B 200 4.88 31.34 -7.16
N VAL B 201 3.94 30.49 -6.77
CA VAL B 201 2.62 30.44 -7.37
C VAL B 201 1.62 30.55 -6.23
N HIS B 202 0.68 31.47 -6.33
CA HIS B 202 -0.37 31.59 -5.33
C HIS B 202 -1.51 32.32 -5.99
N GLU B 203 -2.46 31.57 -6.52
CA GLU B 203 -3.52 32.18 -7.32
C GLU B 203 -4.81 31.40 -7.25
N LEU B 204 -5.89 32.16 -7.07
CA LEU B 204 -7.25 31.63 -7.05
C LEU B 204 -7.67 31.26 -8.45
N VAL B 205 -8.16 30.05 -8.63
CA VAL B 205 -8.59 29.59 -9.96
C VAL B 205 -10.00 29.01 -9.95
N MET B 206 -10.66 29.07 -11.11
CA MET B 206 -11.93 28.37 -11.30
C MET B 206 -11.72 27.16 -12.20
N SER B 207 -12.20 26.00 -11.75
CA SER B 207 -12.14 24.77 -12.51
C SER B 207 -13.01 24.90 -13.76
N VAL B 208 -12.41 24.67 -14.92
CA VAL B 208 -13.10 24.67 -16.20
C VAL B 208 -13.18 23.24 -16.72
N LEU B 209 -14.39 22.82 -17.07
CA LEU B 209 -14.63 21.42 -17.47
C LEU B 209 -15.25 21.41 -18.85
N ASP B 210 -14.70 20.60 -19.74
CA ASP B 210 -15.18 20.46 -21.09
C ASP B 210 -16.09 19.24 -21.21
N ASP B 211 -17.06 19.34 -22.12
CA ASP B 211 -17.91 18.21 -22.50
C ASP B 211 -18.39 17.45 -21.29
N THR B 212 -18.98 18.17 -20.34
CA THR B 212 -19.42 17.53 -19.10
C THR B 212 -20.69 16.72 -19.30
N ALA B 213 -20.76 15.56 -18.65
CA ALA B 213 -21.94 14.70 -18.79
C ALA B 213 -22.27 14.05 -17.46
N VAL B 214 -23.56 13.89 -17.18
CA VAL B 214 -23.97 13.19 -15.96
C VAL B 214 -25.03 12.18 -16.35
N SER B 215 -24.93 10.96 -15.82
CA SER B 215 -25.96 9.97 -16.09
C SER B 215 -26.32 9.17 -14.83
N ASP B 216 -27.46 8.50 -14.87
CA ASP B 216 -27.82 7.56 -13.82
C ASP B 216 -27.84 8.23 -12.46
N ALA B 217 -28.33 9.46 -12.39
CA ALA B 217 -28.37 10.17 -11.11
C ALA B 217 -29.58 9.79 -10.24
N TRP B 218 -29.30 9.51 -8.98
CA TRP B 218 -30.28 9.15 -7.96
C TRP B 218 -30.10 10.07 -6.77
N VAL B 219 -31.21 10.33 -6.07
CA VAL B 219 -31.13 11.07 -4.81
C VAL B 219 -31.81 10.27 -3.71
N GLY B 220 -31.40 10.52 -2.47
CA GLY B 220 -32.04 9.91 -1.30
C GLY B 220 -31.54 10.48 0.00
N THR B 221 -31.52 9.65 1.04
CA THR B 221 -31.06 10.08 2.36
C THR B 221 -29.57 9.79 2.55
N ALA B 222 -29.02 10.32 3.64
CA ALA B 222 -27.59 10.24 3.87
C ALA B 222 -27.21 10.31 5.35
N ASP B 223 -26.20 9.53 5.72
CA ASP B 223 -25.52 9.60 7.01
C ASP B 223 -24.06 9.93 6.72
N LEU B 224 -23.46 10.79 7.55
CA LEU B 224 -22.08 11.21 7.34
C LEU B 224 -21.39 11.62 8.63
N ALA B 225 -20.13 11.22 8.78
CA ALA B 225 -19.28 11.70 9.88
C ALA B 225 -17.86 12.01 9.42
N PHE B 226 -17.30 13.09 9.97
CA PHE B 226 -15.87 13.39 9.82
C PHE B 226 -15.21 13.03 11.12
N LEU B 227 -14.04 12.42 11.04
CA LEU B 227 -13.37 11.95 12.25
C LEU B 227 -12.07 12.70 12.46
N PRO B 228 -11.84 13.21 13.69
CA PRO B 228 -10.54 13.81 13.99
C PRO B 228 -9.38 12.85 13.71
N ALA B 229 -8.32 13.41 13.13
CA ALA B 229 -7.12 12.67 12.78
C ALA B 229 -5.90 13.56 12.91
N HIS B 230 -4.81 13.01 13.45
CA HIS B 230 -3.55 13.73 13.48
C HIS B 230 -3.16 14.18 12.08
N GLY B 231 -2.83 15.45 11.94
CA GLY B 231 -2.32 15.95 10.68
C GLY B 231 -3.39 16.33 9.68
N GLU B 232 -4.65 16.39 10.13
CA GLU B 232 -5.81 16.70 9.30
C GLU B 232 -6.68 17.72 10.02
N GLU B 233 -7.51 18.43 9.27
CA GLU B 233 -8.41 19.42 9.87
C GLU B 233 -9.83 19.27 9.36
N LEU B 234 -10.08 18.25 8.53
CA LEU B 234 -11.43 17.98 8.03
C LEU B 234 -12.46 17.98 9.12
N ALA B 235 -12.18 17.29 10.22
CA ALA B 235 -13.16 17.19 11.29
C ALA B 235 -13.34 18.48 12.09
N ASP B 236 -12.60 19.54 11.76
CA ASP B 236 -12.89 20.84 12.37
C ASP B 236 -14.11 21.46 11.69
N LEU B 237 -14.63 20.78 10.67
CA LEU B 237 -15.88 21.13 10.03
C LEU B 237 -16.97 20.14 10.44
N PRO B 238 -17.48 20.27 11.67
CA PRO B 238 -18.39 19.26 12.20
C PRO B 238 -19.67 19.13 11.39
N VAL B 239 -20.17 17.91 11.21
CA VAL B 239 -21.42 17.68 10.51
C VAL B 239 -22.54 17.90 11.51
N ARG B 240 -23.24 19.03 11.40
CA ARG B 240 -24.37 19.33 12.27
C ARG B 240 -25.57 18.59 11.74
N ARG B 241 -25.61 18.37 10.43
CA ARG B 241 -26.68 17.57 9.85
C ARG B 241 -26.39 17.28 8.39
N THR B 242 -27.11 16.31 7.83
CA THR B 242 -27.02 15.96 6.42
C THR B 242 -28.28 16.35 5.68
N GLY B 243 -28.10 16.63 4.40
CA GLY B 243 -29.20 16.77 3.50
C GLY B 243 -29.25 15.53 2.63
N LYS B 244 -29.37 15.75 1.33
CA LYS B 244 -29.55 14.67 0.38
C LYS B 244 -28.30 13.84 0.23
N GLY B 245 -28.49 12.54 0.07
CA GLY B 245 -27.46 11.67 -0.46
C GLY B 245 -27.69 11.60 -1.96
N PHE B 246 -26.65 11.26 -2.71
CA PHE B 246 -26.81 11.17 -4.16
C PHE B 246 -25.75 10.26 -4.81
N HIS B 247 -26.10 9.77 -5.99
CA HIS B 247 -25.31 8.81 -6.71
C HIS B 247 -25.43 9.15 -8.19
N PHE B 248 -24.31 9.29 -8.89
CA PHE B 248 -24.32 9.49 -10.33
C PHE B 248 -22.98 9.22 -11.02
N ASP B 249 -23.04 8.96 -12.33
CA ASP B 249 -21.88 8.93 -13.18
C ASP B 249 -21.58 10.36 -13.68
N LEU B 250 -20.30 10.65 -13.87
CA LEU B 250 -19.84 11.98 -14.26
C LEU B 250 -18.70 11.80 -15.26
N ALA B 251 -18.69 12.58 -16.33
CA ALA B 251 -17.59 12.49 -17.28
C ALA B 251 -17.24 13.90 -17.72
N TYR B 252 -15.95 14.19 -17.91
CA TYR B 252 -15.56 15.49 -18.43
C TYR B 252 -14.10 15.46 -18.87
N THR B 253 -13.69 16.55 -19.50
CA THR B 253 -12.35 16.71 -20.06
C THR B 253 -11.78 18.03 -19.55
N VAL B 254 -10.51 18.01 -19.17
CA VAL B 254 -9.82 19.20 -18.71
C VAL B 254 -8.78 19.62 -19.74
N THR B 255 -8.89 20.85 -20.24
CA THR B 255 -7.90 21.40 -21.18
C THR B 255 -7.45 22.81 -20.79
N ASP B 256 -8.03 23.35 -19.72
CA ASP B 256 -7.97 24.78 -19.42
C ASP B 256 -8.21 24.98 -17.92
N LEU B 257 -7.94 26.18 -17.45
CA LEU B 257 -8.11 26.58 -16.05
C LEU B 257 -8.20 28.11 -16.03
N MET B 258 -9.15 28.66 -15.28
CA MET B 258 -9.30 30.11 -15.28
C MET B 258 -8.70 30.72 -14.04
N THR B 259 -7.69 31.56 -14.23
CA THR B 259 -7.11 32.28 -13.12
C THR B 259 -8.03 33.44 -12.73
N LEU B 260 -8.43 33.52 -11.46
CA LEU B 260 -9.27 34.61 -10.98
C LEU B 260 -8.45 35.80 -10.49
N MET C 1 -15.09 -17.56 22.98
CA MET C 1 -14.13 -17.70 21.84
C MET C 1 -14.87 -17.98 20.55
N LYS C 2 -15.36 -16.92 19.96
CA LYS C 2 -16.22 -16.95 18.80
C LYS C 2 -15.47 -16.57 17.53
N GLY C 3 -16.08 -16.81 16.38
CA GLY C 3 -15.45 -16.53 15.10
C GLY C 3 -15.36 -17.75 14.19
N TYR C 4 -15.13 -17.52 12.91
CA TYR C 4 -15.03 -18.57 11.92
C TYR C 4 -13.55 -18.72 11.57
N THR C 5 -12.93 -17.71 10.96
CA THR C 5 -11.47 -17.74 10.78
C THR C 5 -10.84 -17.08 11.99
N VAL C 6 -9.52 -17.18 12.13
CA VAL C 6 -8.80 -16.36 13.09
C VAL C 6 -8.87 -14.86 12.74
N PRO C 7 -8.65 -13.97 13.72
CA PRO C 7 -8.61 -14.27 15.15
C PRO C 7 -9.99 -14.62 15.66
N LEU C 8 -10.07 -15.66 16.46
CA LEU C 8 -11.23 -15.90 17.32
C LEU C 8 -11.21 -14.87 18.43
N SER C 9 -12.37 -14.58 19.01
CA SER C 9 -12.49 -13.42 19.86
C SER C 9 -13.75 -13.47 20.74
N PRO C 10 -13.84 -12.60 21.74
CA PRO C 10 -15.04 -12.65 22.58
C PRO C 10 -16.33 -12.40 21.78
N ARG C 11 -16.31 -11.58 20.74
CA ARG C 11 -17.57 -11.26 20.01
C ARG C 11 -17.73 -11.83 18.62
N GLY C 12 -16.67 -12.46 18.09
CA GLY C 12 -16.68 -13.01 16.74
C GLY C 12 -16.69 -11.94 15.65
N ILE C 13 -16.21 -10.75 15.98
CA ILE C 13 -16.15 -9.62 15.04
C ILE C 13 -14.78 -9.52 14.39
N ALA C 14 -13.73 -9.66 15.20
CA ALA C 14 -12.38 -9.47 14.72
C ALA C 14 -11.95 -10.47 13.65
N ASN C 15 -12.59 -11.65 13.55
CA ASN C 15 -12.14 -12.63 12.56
C ASN C 15 -12.04 -12.02 11.17
N LEU C 16 -11.06 -12.51 10.41
CA LEU C 16 -10.88 -12.07 9.03
C LEU C 16 -12.11 -12.33 8.21
N ALA C 17 -12.79 -13.44 8.46
CA ALA C 17 -14.06 -13.71 7.79
C ALA C 17 -14.96 -14.46 8.73
N PRO C 18 -16.28 -14.15 8.71
CA PRO C 18 -17.24 -14.88 9.52
C PRO C 18 -17.69 -16.11 8.76
N ALA C 19 -18.56 -16.92 9.34
CA ALA C 19 -19.12 -18.09 8.65
C ALA C 19 -19.91 -17.70 7.38
N PRO C 20 -19.94 -18.58 6.38
CA PRO C 20 -20.86 -18.40 5.27
C PRO C 20 -22.28 -18.19 5.77
N PRO C 21 -23.16 -17.66 4.93
CA PRO C 21 -22.94 -17.51 3.48
C PRO C 21 -22.03 -16.34 3.08
N TRP C 22 -21.29 -16.55 2.00
CA TRP C 22 -20.41 -15.53 1.45
C TRP C 22 -20.98 -15.17 0.07
N HIS C 23 -21.36 -13.93 -0.16
CA HIS C 23 -21.98 -13.51 -1.43
C HIS C 23 -20.97 -12.71 -2.25
N TYR C 24 -21.06 -12.85 -3.56
CA TYR C 24 -20.10 -12.22 -4.47
C TYR C 24 -20.80 -11.63 -5.71
N ALA C 25 -20.39 -10.43 -6.07
CA ALA C 25 -20.82 -9.79 -7.31
C ALA C 25 -19.54 -9.24 -7.91
N GLY C 26 -19.27 -9.53 -9.18
CA GLY C 26 -18.02 -9.13 -9.79
C GLY C 26 -18.12 -8.92 -11.29
N THR C 27 -17.11 -8.25 -11.83
CA THR C 27 -16.94 -8.04 -13.27
C THR C 27 -15.59 -8.64 -13.67
N VAL C 28 -15.63 -9.50 -14.68
CA VAL C 28 -14.52 -10.33 -15.08
C VAL C 28 -13.98 -9.90 -16.42
N VAL C 29 -12.67 -9.71 -16.48
CA VAL C 29 -11.95 -9.57 -17.75
C VAL C 29 -11.09 -10.80 -17.85
N GLY C 30 -11.29 -11.59 -18.88
CA GLY C 30 -10.60 -12.86 -18.99
C GLY C 30 -10.04 -13.19 -20.34
N VAL C 31 -9.08 -14.09 -20.31
CA VAL C 31 -8.38 -14.56 -21.49
C VAL C 31 -8.21 -16.07 -21.46
N GLU C 32 -8.76 -16.73 -22.47
CA GLU C 32 -8.41 -18.10 -22.77
C GLU C 32 -6.98 -18.17 -23.30
N PHE C 33 -6.17 -19.08 -22.78
CA PHE C 33 -4.80 -19.20 -23.30
C PHE C 33 -4.37 -20.65 -23.43
N PHE C 34 -3.26 -20.86 -24.12
CA PHE C 34 -2.71 -22.19 -24.28
C PHE C 34 -1.23 -22.17 -23.94
N THR C 35 -0.86 -23.02 -22.98
CA THR C 35 0.54 -23.23 -22.64
C THR C 35 0.99 -24.65 -23.02
N ASP C 36 2.20 -25.01 -22.63
CA ASP C 36 2.70 -26.35 -22.92
C ASP C 36 1.92 -27.37 -22.08
N PRO C 37 1.39 -28.42 -22.71
CA PRO C 37 0.71 -29.44 -21.91
C PRO C 37 1.55 -29.98 -20.74
N ALA C 38 2.82 -30.29 -20.98
CA ALA C 38 3.70 -30.72 -19.89
C ALA C 38 3.81 -29.69 -18.77
N ALA C 39 3.83 -28.40 -19.11
CA ALA C 39 3.96 -27.38 -18.06
C ALA C 39 2.70 -27.36 -17.19
N ALA C 40 1.54 -27.43 -17.82
CA ALA C 40 0.30 -27.52 -17.09
C ALA C 40 0.27 -28.81 -16.24
N ALA C 41 0.69 -29.93 -16.82
CA ALA C 41 0.66 -31.18 -16.11
C ALA C 41 1.55 -31.16 -14.87
N ALA C 42 2.68 -30.45 -14.96
CA ALA C 42 3.59 -30.36 -13.81
C ALA C 42 2.93 -29.71 -12.59
N THR C 43 1.88 -28.92 -12.78
CA THR C 43 1.20 -28.29 -11.63
C THR C 43 0.11 -29.13 -10.98
N LEU C 44 -0.23 -30.27 -11.56
CA LEU C 44 -1.44 -31.00 -11.15
C LEU C 44 -1.19 -31.74 -9.84
N PRO C 45 -2.15 -31.65 -8.91
CA PRO C 45 -2.10 -32.47 -7.69
C PRO C 45 -2.36 -33.93 -7.99
N GLU C 46 -1.91 -34.79 -7.06
CA GLU C 46 -2.33 -36.18 -7.04
C GLU C 46 -3.86 -36.20 -7.13
N GLY C 47 -4.36 -37.02 -8.02
CA GLY C 47 -5.80 -37.17 -8.14
C GLY C 47 -6.35 -36.49 -9.37
N LEU C 48 -5.60 -35.56 -9.94
CA LEU C 48 -5.98 -34.97 -11.24
C LEU C 48 -5.05 -35.51 -12.33
N THR C 49 -5.62 -35.71 -13.50
CA THR C 49 -4.84 -36.18 -14.65
C THR C 49 -4.93 -35.16 -15.79
N PRO C 50 -3.99 -35.23 -16.73
CA PRO C 50 -4.10 -34.35 -17.90
C PRO C 50 -5.41 -34.51 -18.65
N ASP C 51 -5.91 -33.42 -19.20
CA ASP C 51 -7.09 -33.48 -20.05
C ASP C 51 -6.68 -34.16 -21.35
N PRO C 52 -7.40 -35.23 -21.73
CA PRO C 52 -6.99 -35.90 -22.96
C PRO C 52 -7.23 -35.10 -24.25
N ASP C 53 -8.03 -34.06 -24.20
CA ASP C 53 -8.41 -33.31 -25.40
C ASP C 53 -7.84 -31.90 -25.44
N SER C 54 -7.80 -31.21 -24.30
CA SER C 54 -7.37 -29.80 -24.26
C SER C 54 -6.22 -29.52 -23.28
N ALA C 55 -5.39 -30.52 -23.03
CA ALA C 55 -4.21 -30.35 -22.18
C ALA C 55 -3.43 -29.14 -22.66
N GLY C 56 -3.06 -28.26 -21.72
CA GLY C 56 -2.38 -27.03 -22.08
C GLY C 56 -3.29 -25.82 -22.08
N ARG C 57 -4.60 -26.01 -22.25
CA ARG C 57 -5.54 -24.89 -22.26
C ARG C 57 -5.69 -24.37 -20.82
N GLY C 58 -5.74 -23.06 -20.69
CA GLY C 58 -6.09 -22.45 -19.44
C GLY C 58 -6.96 -21.21 -19.62
N VAL C 59 -7.41 -20.67 -18.49
CA VAL C 59 -8.17 -19.43 -18.46
C VAL C 59 -7.55 -18.50 -17.43
N ALA C 60 -7.25 -17.27 -17.88
CA ALA C 60 -6.77 -16.23 -16.97
C ALA C 60 -7.90 -15.22 -16.70
N MET C 61 -8.16 -14.93 -15.45
CA MET C 61 -9.23 -14.00 -15.10
C MET C 61 -8.74 -12.92 -14.13
N PHE C 62 -9.16 -11.70 -14.43
CA PHE C 62 -8.96 -10.50 -13.60
C PHE C 62 -10.34 -10.05 -13.18
N ILE C 63 -10.63 -10.05 -11.88
CA ILE C 63 -11.96 -9.76 -11.40
C ILE C 63 -11.98 -8.62 -10.40
N ASP C 64 -12.93 -7.72 -10.61
CA ASP C 64 -13.29 -6.71 -9.58
C ASP C 64 -14.48 -7.23 -8.78
N TRP C 65 -14.20 -7.65 -7.55
CA TRP C 65 -15.17 -8.29 -6.69
C TRP C 65 -15.71 -7.39 -5.60
N GLN C 66 -16.96 -7.64 -5.25
CA GLN C 66 -17.54 -7.11 -4.04
C GLN C 66 -18.16 -8.27 -3.27
N TYR C 67 -17.80 -8.40 -2.00
CA TYR C 67 -18.30 -9.45 -1.14
C TYR C 67 -19.31 -8.92 -0.14
N SER C 68 -20.23 -9.77 0.29
CA SER C 68 -21.03 -9.44 1.45
C SER C 68 -21.46 -10.74 2.14
N SER C 69 -21.97 -10.64 3.36
CA SER C 69 -22.51 -11.82 4.04
C SER C 69 -23.94 -11.50 4.46
N THR C 70 -24.30 -11.72 5.72
CA THR C 70 -25.70 -11.59 6.10
C THR C 70 -26.08 -10.21 6.64
N GLY C 71 -25.12 -9.27 6.64
CA GLY C 71 -25.35 -8.00 7.32
C GLY C 71 -24.99 -6.78 6.50
N LEU C 72 -25.19 -6.85 5.18
CA LEU C 72 -24.84 -5.76 4.25
C LEU C 72 -23.38 -5.30 4.42
N GLU C 73 -22.48 -6.28 4.49
CA GLU C 73 -21.06 -6.02 4.60
C GLU C 73 -20.52 -5.22 3.40
N TYR C 74 -21.22 -5.23 2.26
CA TYR C 74 -20.79 -4.41 1.11
C TYR C 74 -20.88 -2.88 1.36
N LEU C 75 -21.56 -2.47 2.42
CA LEU C 75 -21.48 -1.09 2.88
C LEU C 75 -20.12 -0.70 3.50
N ASP C 76 -19.21 -1.67 3.61
CA ASP C 76 -17.87 -1.45 4.13
C ASP C 76 -16.84 -1.87 3.08
N PRO C 77 -16.78 -1.10 1.98
CA PRO C 77 -15.94 -1.47 0.85
C PRO C 77 -14.45 -1.55 1.18
N ALA C 78 -13.99 -0.83 2.20
CA ALA C 78 -12.59 -0.94 2.63
C ALA C 78 -12.22 -2.38 3.01
N ARG C 79 -13.19 -3.19 3.44
CA ARG C 79 -12.95 -4.63 3.73
C ARG C 79 -13.58 -5.54 2.65
N SER C 80 -14.69 -5.09 2.06
CA SER C 80 -15.52 -5.99 1.28
C SER C 80 -15.21 -6.07 -0.19
N GLN C 81 -14.59 -5.01 -0.71
CA GLN C 81 -14.21 -4.95 -2.12
C GLN C 81 -12.79 -5.46 -2.30
N TYR C 82 -12.54 -6.17 -3.38
CA TYR C 82 -11.19 -6.63 -3.64
C TYR C 82 -11.06 -7.00 -5.08
N ARG C 83 -9.81 -7.05 -5.53
N ARG C 83 -9.81 -7.20 -5.48
CA ARG C 83 -9.47 -7.43 -6.90
CA ARG C 83 -9.47 -7.49 -6.85
C ARG C 83 -8.71 -8.76 -6.86
C ARG C 83 -8.56 -8.71 -6.93
N GLU C 84 -8.82 -9.52 -7.94
CA GLU C 84 -8.35 -10.89 -7.99
C GLU C 84 -7.87 -11.27 -9.36
N PHE C 85 -6.71 -11.91 -9.41
CA PHE C 85 -6.18 -12.50 -10.64
C PHE C 85 -5.94 -13.97 -10.38
N LEU C 86 -6.49 -14.84 -11.22
CA LEU C 86 -6.26 -16.28 -11.11
C LEU C 86 -6.11 -16.91 -12.47
N ILE C 87 -5.52 -18.11 -12.49
CA ILE C 87 -5.59 -18.95 -13.69
C ILE C 87 -6.17 -20.28 -13.30
N THR C 88 -6.92 -20.87 -14.21
CA THR C 88 -7.21 -22.29 -14.15
C THR C 88 -6.61 -22.99 -15.37
N LEU C 89 -6.30 -24.27 -15.19
CA LEU C 89 -5.85 -25.13 -16.28
C LEU C 89 -6.79 -26.31 -16.52
N ASP C 90 -7.05 -26.63 -17.78
CA ASP C 90 -7.85 -27.81 -18.07
C ASP C 90 -7.17 -29.05 -17.51
N ALA C 91 -7.97 -29.95 -16.96
CA ALA C 91 -7.50 -31.26 -16.52
C ALA C 91 -8.69 -32.20 -16.38
N HIS C 92 -8.41 -33.45 -16.01
CA HIS C 92 -9.49 -34.40 -15.68
C HIS C 92 -9.47 -34.85 -14.24
N CYS C 93 -10.66 -35.10 -13.69
CA CYS C 93 -10.81 -35.73 -12.38
C CYS C 93 -11.69 -36.99 -12.54
N ASN C 94 -11.07 -38.15 -12.45
CA ASN C 94 -11.75 -39.43 -12.69
C ASN C 94 -12.51 -39.40 -14.01
N GLY C 95 -11.91 -38.82 -15.04
CA GLY C 95 -12.50 -38.88 -16.37
C GLY C 95 -13.37 -37.68 -16.72
N ALA C 96 -13.60 -36.81 -15.74
CA ALA C 96 -14.46 -35.64 -15.96
C ALA C 96 -13.67 -34.36 -16.11
N PRO C 97 -14.05 -33.53 -17.09
CA PRO C 97 -13.34 -32.26 -17.28
C PRO C 97 -13.52 -31.34 -16.11
N VAL C 98 -12.39 -30.85 -15.62
CA VAL C 98 -12.36 -29.90 -14.52
C VAL C 98 -11.35 -28.79 -14.86
N ALA C 99 -11.34 -27.76 -14.02
CA ALA C 99 -10.43 -26.63 -14.15
C ALA C 99 -9.65 -26.49 -12.86
N TRP C 100 -8.38 -26.86 -12.91
CA TRP C 100 -7.49 -26.84 -11.74
C TRP C 100 -6.95 -25.42 -11.53
N CYS C 101 -6.99 -24.91 -10.29
CA CYS C 101 -6.45 -23.58 -10.00
C CYS C 101 -5.09 -23.67 -9.29
N PRO C 102 -3.97 -23.42 -10.02
CA PRO C 102 -2.66 -23.48 -9.34
C PRO C 102 -2.22 -22.20 -8.65
N TYR C 103 -2.63 -21.05 -9.19
CA TYR C 103 -2.15 -19.75 -8.73
C TYR C 103 -3.29 -18.72 -8.72
N ILE C 104 -3.34 -17.88 -7.69
CA ILE C 104 -4.36 -16.84 -7.56
C ILE C 104 -3.83 -15.76 -6.62
N TYR C 105 -4.15 -14.51 -6.96
CA TYR C 105 -3.66 -13.36 -6.21
C TYR C 105 -4.81 -12.41 -5.90
N VAL C 106 -4.83 -11.86 -4.67
CA VAL C 106 -5.84 -10.87 -4.29
C VAL C 106 -5.21 -9.72 -3.53
N ASP C 107 -5.94 -8.60 -3.45
CA ASP C 107 -5.40 -7.41 -2.79
C ASP C 107 -6.04 -7.12 -1.42
N ASN C 108 -6.53 -8.18 -0.78
CA ASN C 108 -7.31 -8.08 0.43
C ASN C 108 -7.06 -9.30 1.35
N ASP C 109 -6.71 -9.07 2.62
CA ASP C 109 -6.39 -10.18 3.54
C ASP C 109 -7.63 -11.04 3.91
N ALA C 110 -8.81 -10.43 3.95
CA ALA C 110 -10.03 -11.20 4.19
C ALA C 110 -10.28 -12.19 3.07
N ALA C 111 -10.08 -11.72 1.84
CA ALA C 111 -10.18 -12.57 0.68
C ALA C 111 -9.15 -13.72 0.72
N MET C 112 -7.91 -13.42 1.10
CA MET C 112 -6.89 -14.45 1.23
C MET C 112 -7.35 -15.56 2.15
N ALA C 113 -7.89 -15.19 3.31
CA ALA C 113 -8.33 -16.15 4.31
C ALA C 113 -9.52 -16.95 3.82
N ARG C 114 -10.48 -16.30 3.18
CA ARG C 114 -11.63 -17.02 2.64
C ARG C 114 -11.14 -18.01 1.58
N GLY C 115 -10.19 -17.56 0.79
CA GLY C 115 -9.64 -18.38 -0.29
C GLY C 115 -8.99 -19.61 0.27
N TRP C 116 -8.18 -19.42 1.32
CA TRP C 116 -7.48 -20.55 1.90
C TRP C 116 -8.47 -21.58 2.38
N VAL C 117 -9.58 -21.13 2.96
CA VAL C 117 -10.56 -22.08 3.47
C VAL C 117 -11.18 -22.86 2.33
N GLN C 118 -11.30 -22.21 1.17
CA GLN C 118 -11.85 -22.84 -0.02
C GLN C 118 -10.82 -23.67 -0.76
N GLY C 119 -9.54 -23.47 -0.44
CA GLY C 119 -8.47 -24.18 -1.11
C GLY C 119 -7.91 -23.47 -2.31
N PHE C 120 -8.40 -22.28 -2.60
CA PHE C 120 -7.74 -21.34 -3.48
C PHE C 120 -6.43 -20.90 -2.85
N PRO C 121 -5.31 -21.08 -3.56
CA PRO C 121 -3.99 -20.82 -2.96
C PRO C 121 -3.56 -19.35 -3.03
N LYS C 122 -4.33 -18.47 -2.40
CA LYS C 122 -4.15 -17.04 -2.56
C LYS C 122 -2.90 -16.47 -1.89
N LYS C 123 -2.23 -15.60 -2.64
CA LYS C 123 -1.21 -14.71 -2.15
C LYS C 123 -1.65 -13.29 -2.39
N LEU C 124 -1.00 -12.33 -1.75
CA LEU C 124 -1.41 -10.95 -2.02
C LEU C 124 -0.77 -10.49 -3.31
N GLY C 125 -1.50 -9.67 -4.05
CA GLY C 125 -0.93 -8.93 -5.15
C GLY C 125 -1.75 -7.70 -5.48
N ALA C 126 -1.32 -7.00 -6.51
CA ALA C 126 -1.95 -5.78 -6.99
C ALA C 126 -2.59 -6.08 -8.33
N VAL C 127 -3.92 -5.96 -8.42
CA VAL C 127 -4.66 -6.40 -9.60
C VAL C 127 -5.51 -5.26 -10.10
N HIS C 128 -5.53 -5.07 -11.41
CA HIS C 128 -6.24 -3.95 -12.00
C HIS C 128 -6.91 -4.36 -13.34
N GLN C 129 -8.09 -3.81 -13.59
CA GLN C 129 -8.77 -3.98 -14.89
C GLN C 129 -9.48 -2.68 -15.30
N THR C 130 -9.46 -2.40 -16.60
CA THR C 130 -10.18 -1.25 -17.15
C THR C 130 -11.66 -1.44 -16.80
N ARG C 131 -12.32 -0.34 -16.47
CA ARG C 131 -13.73 -0.30 -16.13
C ARG C 131 -14.55 0.41 -17.21
N ALA C 132 -15.76 -0.10 -17.49
CA ALA C 132 -16.69 0.56 -18.39
C ALA C 132 -17.71 1.35 -17.58
N TYR C 133 -17.78 2.66 -17.86
CA TYR C 133 -18.72 3.53 -17.18
C TYR C 133 -19.88 3.85 -18.10
N SER C 134 -21.09 3.82 -17.55
CA SER C 134 -22.31 3.96 -18.35
C SER C 134 -22.40 5.34 -19.00
N VAL C 135 -21.83 6.35 -18.34
CA VAL C 135 -21.93 7.71 -18.86
C VAL C 135 -21.20 7.83 -20.18
N GLY C 136 -20.20 6.99 -20.41
CA GLY C 136 -19.48 7.01 -21.68
C GLY C 136 -18.48 8.16 -21.75
N GLY C 137 -17.97 8.43 -22.96
CA GLY C 137 -16.99 9.48 -23.13
C GLY C 137 -15.58 8.98 -23.29
N PRO C 138 -14.62 9.92 -23.45
CA PRO C 138 -13.25 9.49 -23.76
C PRO C 138 -12.48 8.82 -22.60
N GLY C 139 -13.06 8.82 -21.40
CA GLY C 139 -12.42 8.19 -20.27
C GLY C 139 -12.78 6.73 -20.03
N THR C 140 -13.57 6.16 -20.93
CA THR C 140 -14.06 4.80 -20.73
C THR C 140 -14.25 4.07 -22.05
N PRO C 141 -14.00 2.74 -22.08
CA PRO C 141 -14.45 1.97 -23.23
C PRO C 141 -15.97 1.86 -23.20
N VAL C 142 -16.57 1.43 -24.30
CA VAL C 142 -18.00 1.13 -24.35
C VAL C 142 -18.16 -0.36 -24.52
N LEU C 143 -18.86 -0.97 -23.59
CA LEU C 143 -19.17 -2.40 -23.73
C LEU C 143 -19.84 -2.65 -25.08
N GLY C 144 -19.37 -3.67 -25.79
CA GLY C 144 -19.82 -3.91 -27.15
C GLY C 144 -18.66 -4.01 -28.11
N PRO C 145 -18.96 -4.16 -29.42
CA PRO C 145 -17.94 -4.29 -30.46
C PRO C 145 -16.87 -3.20 -30.39
N GLY C 146 -15.60 -3.59 -30.40
CA GLY C 146 -14.52 -2.63 -30.38
C GLY C 146 -14.13 -2.11 -29.01
N GLY C 147 -14.86 -2.48 -27.96
CA GLY C 147 -14.51 -2.05 -26.63
C GLY C 147 -13.25 -2.74 -26.13
N GLN C 148 -12.29 -1.95 -25.67
CA GLN C 148 -11.01 -2.51 -25.25
C GLN C 148 -10.83 -2.39 -23.74
N PHE C 149 -10.31 -3.47 -23.17
CA PHE C 149 -10.06 -3.54 -21.73
C PHE C 149 -8.65 -4.06 -21.51
N GLY C 150 -7.90 -3.34 -20.70
CA GLY C 150 -6.61 -3.85 -20.22
C GLY C 150 -6.71 -4.40 -18.81
N ALA C 151 -5.75 -5.27 -18.45
CA ALA C 151 -5.66 -5.77 -17.09
C ALA C 151 -4.23 -6.23 -16.77
N THR C 152 -3.87 -6.11 -15.49
CA THR C 152 -2.54 -6.44 -15.02
C THR C 152 -2.60 -7.02 -13.62
N ALA C 153 -1.54 -7.73 -13.27
CA ALA C 153 -1.36 -8.26 -11.93
C ALA C 153 0.10 -8.19 -11.57
N SER C 154 0.37 -7.77 -10.34
CA SER C 154 1.72 -7.79 -9.77
C SER C 154 1.75 -8.51 -8.45
N SER C 155 2.94 -8.96 -8.08
CA SER C 155 3.14 -9.60 -6.80
C SER C 155 4.47 -9.16 -6.23
N ALA C 156 4.43 -8.69 -4.99
CA ALA C 156 5.64 -8.15 -4.35
C ALA C 156 6.37 -7.16 -5.25
N GLY C 157 5.62 -6.29 -5.90
CA GLY C 157 6.22 -5.20 -6.66
C GLY C 157 6.75 -5.60 -8.02
N GLN C 158 6.40 -6.81 -8.45
CA GLN C 158 6.81 -7.35 -9.73
C GLN C 158 5.58 -7.64 -10.57
N ARG C 159 5.58 -7.16 -11.81
CA ARG C 159 4.53 -7.44 -12.77
C ARG C 159 4.61 -8.92 -13.18
N ILE C 160 3.50 -9.65 -13.07
CA ILE C 160 3.49 -11.06 -13.46
C ILE C 160 2.50 -11.40 -14.57
N ALA C 161 1.50 -10.56 -14.79
CA ALA C 161 0.64 -10.72 -15.95
C ALA C 161 0.18 -9.38 -16.57
N GLU C 162 0.11 -9.35 -17.89
CA GLU C 162 -0.43 -8.20 -18.62
C GLU C 162 -1.36 -8.71 -19.72
N ALA C 163 -2.53 -8.08 -19.84
CA ALA C 163 -3.57 -8.55 -20.75
C ALA C 163 -4.31 -7.40 -21.40
N LYS C 164 -4.79 -7.63 -22.61
CA LYS C 164 -5.76 -6.73 -23.25
C LYS C 164 -6.75 -7.55 -24.07
N ILE C 165 -8.02 -7.13 -24.03
CA ILE C 165 -9.06 -7.76 -24.83
C ILE C 165 -9.79 -6.69 -25.64
N THR C 166 -10.27 -7.12 -26.80
CA THR C 166 -11.12 -6.32 -27.66
C THR C 166 -12.40 -7.08 -27.92
N LEU C 167 -13.52 -6.50 -27.51
CA LEU C 167 -14.77 -7.23 -27.61
C LEU C 167 -15.29 -7.19 -29.04
N GLU C 168 -15.98 -8.26 -29.45
CA GLU C 168 -16.51 -8.35 -30.81
C GLU C 168 -17.98 -8.78 -30.87
N GLN C 169 -18.34 -9.71 -29.99
CA GLN C 169 -19.57 -10.45 -30.14
C GLN C 169 -20.22 -10.79 -28.79
N PRO C 170 -21.54 -10.64 -28.70
CA PRO C 170 -22.19 -11.04 -27.44
C PRO C 170 -22.29 -12.56 -27.30
N VAL C 171 -22.39 -13.02 -26.07
CA VAL C 171 -22.68 -14.41 -25.75
C VAL C 171 -24.09 -14.47 -25.17
N ARG C 180 -17.07 -26.50 -16.67
CA ARG C 180 -15.88 -27.05 -16.03
C ARG C 180 -15.79 -26.58 -14.58
N PRO C 181 -16.09 -27.47 -13.62
CA PRO C 181 -15.96 -27.08 -12.21
C PRO C 181 -14.51 -26.78 -11.83
N VAL C 182 -14.31 -25.83 -10.93
CA VAL C 182 -12.98 -25.53 -10.40
C VAL C 182 -12.61 -26.53 -9.27
N ILE C 183 -11.38 -27.04 -9.33
CA ILE C 183 -10.82 -27.96 -8.34
C ILE C 183 -9.69 -27.23 -7.60
N ASN C 184 -9.68 -27.35 -6.28
CA ASN C 184 -8.67 -26.72 -5.47
C ASN C 184 -8.09 -27.73 -4.48
N LEU C 185 -7.15 -27.27 -3.68
CA LEU C 185 -6.49 -28.14 -2.72
C LEU C 185 -6.40 -27.42 -1.40
N ARG C 186 -7.22 -27.85 -0.44
CA ARG C 186 -7.12 -27.31 0.91
C ARG C 186 -5.82 -27.84 1.47
N HIS C 187 -4.96 -26.95 1.96
CA HIS C 187 -3.64 -27.34 2.43
C HIS C 187 -3.19 -26.47 3.61
N PHE C 188 -2.93 -27.12 4.74
CA PHE C 188 -2.44 -26.46 5.96
C PHE C 188 -1.32 -27.30 6.59
N PRO C 189 -0.09 -26.78 6.60
CA PRO C 189 1.01 -27.62 7.08
C PRO C 189 1.11 -27.72 8.60
N ARG C 190 1.94 -28.63 9.06
CA ARG C 190 2.31 -28.76 10.45
C ARG C 190 3.70 -28.19 10.66
N LEU C 191 3.92 -27.62 11.84
CA LEU C 191 5.21 -27.05 12.19
C LEU C 191 5.92 -27.90 13.26
N ALA C 192 5.21 -28.83 13.88
CA ALA C 192 5.84 -29.73 14.86
C ALA C 192 7.06 -30.39 14.24
N ALA C 193 8.18 -30.36 14.95
CA ALA C 193 9.41 -30.97 14.45
C ALA C 193 9.20 -32.41 14.04
N GLY C 194 9.68 -32.74 12.83
CA GLY C 194 9.49 -34.06 12.26
C GLY C 194 8.25 -34.17 11.41
N GLN C 195 7.42 -33.12 11.39
CA GLN C 195 6.11 -33.21 10.71
C GLN C 195 5.98 -32.21 9.57
N HIS C 196 7.08 -31.60 9.16
CA HIS C 196 7.01 -30.51 8.18
C HIS C 196 6.56 -31.01 6.80
N ASP C 197 6.68 -32.31 6.57
CA ASP C 197 6.22 -32.90 5.33
C ASP C 197 4.89 -33.65 5.53
N GLN C 198 4.25 -33.46 6.69
CA GLN C 198 2.99 -34.15 7.02
C GLN C 198 1.88 -33.13 7.36
N PRO C 199 1.29 -32.52 6.32
CA PRO C 199 0.33 -31.44 6.57
C PRO C 199 -0.90 -31.94 7.33
N ALA C 200 -1.49 -31.06 8.13
CA ALA C 200 -2.65 -31.40 8.91
C ALA C 200 -3.89 -31.48 8.02
N VAL C 201 -3.94 -30.60 7.03
CA VAL C 201 -5.01 -30.58 6.05
C VAL C 201 -4.36 -30.71 4.67
N HIS C 202 -4.85 -31.67 3.91
CA HIS C 202 -4.36 -31.84 2.55
C HIS C 202 -5.43 -32.60 1.80
N GLU C 203 -6.31 -31.89 1.11
CA GLU C 203 -7.45 -32.55 0.48
C GLU C 203 -7.89 -31.80 -0.76
N LEU C 204 -8.14 -32.59 -1.79
CA LEU C 204 -8.64 -32.11 -3.04
C LEU C 204 -10.13 -31.80 -2.88
N VAL C 205 -10.55 -30.63 -3.33
CA VAL C 205 -11.96 -30.21 -3.21
C VAL C 205 -12.47 -29.68 -4.53
N MET C 206 -13.78 -29.76 -4.73
CA MET C 206 -14.41 -29.08 -5.85
C MET C 206 -15.18 -27.88 -5.34
N SER C 207 -14.99 -26.76 -6.01
CA SER C 207 -15.69 -25.54 -5.67
C SER C 207 -17.21 -25.69 -5.91
N VAL C 208 -17.99 -25.30 -4.92
CA VAL C 208 -19.45 -25.38 -5.01
C VAL C 208 -19.96 -23.96 -4.96
N LEU C 209 -20.73 -23.56 -5.97
CA LEU C 209 -21.28 -22.21 -6.06
C LEU C 209 -22.79 -22.24 -6.10
N ASP C 210 -23.42 -21.47 -5.22
CA ASP C 210 -24.88 -21.40 -5.20
C ASP C 210 -25.38 -20.25 -6.03
N ASP C 211 -26.55 -20.41 -6.64
CA ASP C 211 -27.32 -19.28 -7.20
C ASP C 211 -26.49 -18.45 -8.18
N THR C 212 -25.73 -19.13 -9.03
CA THR C 212 -24.80 -18.51 -9.95
C THR C 212 -25.54 -17.77 -11.05
N ALA C 213 -25.02 -16.61 -11.41
CA ALA C 213 -25.59 -15.83 -12.49
C ALA C 213 -24.48 -15.16 -13.23
N VAL C 214 -24.69 -15.02 -14.54
CA VAL C 214 -23.73 -14.38 -15.44
C VAL C 214 -24.56 -13.37 -16.25
N SER C 215 -24.01 -12.20 -16.56
CA SER C 215 -24.79 -11.21 -17.32
C SER C 215 -23.89 -10.36 -18.21
N ASP C 216 -24.47 -9.88 -19.30
CA ASP C 216 -23.81 -8.97 -20.22
C ASP C 216 -22.49 -9.54 -20.73
N ALA C 217 -22.52 -10.80 -21.11
CA ALA C 217 -21.31 -11.50 -21.53
C ALA C 217 -20.93 -11.14 -22.96
N TRP C 218 -19.67 -10.80 -23.13
CA TRP C 218 -19.08 -10.58 -24.47
C TRP C 218 -17.82 -11.41 -24.63
N VAL C 219 -17.50 -11.71 -25.90
CA VAL C 219 -16.23 -12.30 -26.28
C VAL C 219 -15.60 -11.53 -27.42
N GLY C 220 -14.29 -11.71 -27.54
CA GLY C 220 -13.52 -11.11 -28.62
C GLY C 220 -12.09 -11.62 -28.64
N THR C 221 -11.15 -10.75 -29.03
CA THR C 221 -9.77 -11.12 -29.22
C THR C 221 -8.97 -10.81 -27.95
N ALA C 222 -7.80 -11.41 -27.82
CA ALA C 222 -7.03 -11.21 -26.59
C ALA C 222 -5.53 -11.25 -26.80
N ASP C 223 -4.84 -10.49 -25.94
CA ASP C 223 -3.38 -10.59 -25.78
C ASP C 223 -3.10 -10.85 -24.30
N LEU C 224 -2.13 -11.72 -24.04
CA LEU C 224 -1.79 -12.10 -22.67
C LEU C 224 -0.36 -12.56 -22.57
N ALA C 225 0.32 -12.10 -21.53
CA ALA C 225 1.66 -12.58 -21.22
C ALA C 225 1.83 -12.71 -19.73
N PHE C 226 2.51 -13.77 -19.34
CA PHE C 226 2.98 -13.96 -17.98
C PHE C 226 4.48 -13.62 -17.98
N LEU C 227 4.90 -12.82 -17.01
CA LEU C 227 6.28 -12.36 -16.93
C LEU C 227 7.02 -13.08 -15.78
N PRO C 228 8.25 -13.53 -16.05
CA PRO C 228 9.08 -14.07 -14.96
C PRO C 228 9.24 -13.08 -13.81
N ALA C 229 9.18 -13.62 -12.60
CA ALA C 229 9.28 -12.83 -11.38
C ALA C 229 9.97 -13.70 -10.33
N HIS C 230 10.86 -13.10 -9.53
CA HIS C 230 11.45 -13.80 -8.39
C HIS C 230 10.34 -14.27 -7.47
N GLY C 231 10.46 -15.50 -6.97
CA GLY C 231 9.49 -16.03 -6.04
C GLY C 231 8.15 -16.46 -6.62
N GLU C 232 8.01 -16.45 -7.94
CA GLU C 232 6.76 -16.84 -8.61
C GLU C 232 7.05 -17.88 -9.65
N GLU C 233 6.03 -18.65 -10.05
CA GLU C 233 6.19 -19.71 -11.05
C GLU C 233 5.13 -19.63 -12.15
N LEU C 234 4.30 -18.59 -12.10
CA LEU C 234 3.26 -18.40 -13.12
C LEU C 234 3.79 -18.42 -14.53
N ALA C 235 4.90 -17.70 -14.74
CA ALA C 235 5.50 -17.58 -16.08
C ALA C 235 6.13 -18.89 -16.59
N ASP C 236 6.21 -19.89 -15.72
CA ASP C 236 6.64 -21.22 -16.13
C ASP C 236 5.50 -21.97 -16.81
N LEU C 237 4.38 -21.26 -16.99
CA LEU C 237 3.30 -21.68 -17.86
C LEU C 237 3.20 -20.69 -19.00
N PRO C 238 4.20 -20.66 -19.89
CA PRO C 238 4.28 -19.59 -20.90
C PRO C 238 3.05 -19.59 -21.79
N VAL C 239 2.56 -18.41 -22.10
CA VAL C 239 1.51 -18.30 -23.11
C VAL C 239 2.08 -18.56 -24.50
N ARG C 240 1.72 -19.69 -25.11
CA ARG C 240 2.16 -20.01 -26.46
C ARG C 240 1.23 -19.34 -27.47
N ARG C 241 -0.05 -19.21 -27.11
CA ARG C 241 -1.01 -18.51 -27.94
C ARG C 241 -2.25 -18.23 -27.11
N THR C 242 -3.03 -17.23 -27.55
CA THR C 242 -4.28 -16.87 -26.88
C THR C 242 -5.48 -17.33 -27.70
N GLY C 243 -6.57 -17.59 -27.02
CA GLY C 243 -7.85 -17.81 -27.66
C GLY C 243 -8.74 -16.62 -27.39
N LYS C 244 -9.98 -16.88 -27.01
CA LYS C 244 -10.94 -15.81 -26.75
C LYS C 244 -10.61 -14.92 -25.54
N GLY C 245 -10.78 -13.62 -25.72
CA GLY C 245 -10.94 -12.70 -24.60
C GLY C 245 -12.42 -12.64 -24.25
N PHE C 246 -12.72 -12.35 -22.99
CA PHE C 246 -14.10 -12.27 -22.59
C PHE C 246 -14.31 -11.28 -21.45
N HIS C 247 -15.57 -10.88 -21.34
CA HIS C 247 -16.01 -9.90 -20.36
C HIS C 247 -17.42 -10.22 -19.90
N PHE C 248 -17.63 -10.30 -18.59
CA PHE C 248 -18.96 -10.51 -18.07
C PHE C 248 -19.03 -10.18 -16.61
N ASP C 249 -20.25 -9.88 -16.16
CA ASP C 249 -20.58 -9.85 -14.74
C ASP C 249 -20.91 -11.24 -14.23
N LEU C 250 -20.54 -11.48 -12.98
CA LEU C 250 -20.71 -12.80 -12.34
C LEU C 250 -21.21 -12.61 -10.91
N ALA C 251 -22.17 -13.41 -10.50
CA ALA C 251 -22.58 -13.45 -9.10
C ALA C 251 -22.79 -14.89 -8.64
N TYR C 252 -22.45 -15.13 -7.39
CA TYR C 252 -22.73 -16.38 -6.71
C TYR C 252 -22.58 -16.25 -5.22
N THR C 253 -23.04 -17.28 -4.51
CA THR C 253 -22.94 -17.42 -3.07
C THR C 253 -22.21 -18.71 -2.73
N VAL C 254 -21.39 -18.66 -1.70
CA VAL C 254 -20.67 -19.84 -1.20
C VAL C 254 -21.19 -20.25 0.18
N THR C 255 -21.67 -21.49 0.30
CA THR C 255 -22.05 -22.06 1.59
C THR C 255 -21.49 -23.46 1.84
N ASP C 256 -20.78 -24.02 0.87
CA ASP C 256 -20.48 -25.44 0.85
C ASP C 256 -19.18 -25.63 0.11
N LEU C 257 -18.64 -26.83 0.15
CA LEU C 257 -17.37 -27.14 -0.54
C LEU C 257 -17.35 -28.63 -0.61
N MET C 258 -16.99 -29.22 -1.75
CA MET C 258 -17.11 -30.66 -1.86
C MET C 258 -15.77 -31.34 -1.74
N THR C 259 -15.58 -32.11 -0.68
CA THR C 259 -14.30 -32.83 -0.54
C THR C 259 -14.28 -34.02 -1.47
N LEU C 260 -13.19 -34.18 -2.22
CA LEU C 260 -13.05 -35.28 -3.15
C LEU C 260 -12.17 -36.36 -2.56
N MET D 1 -5.96 31.50 6.84
CA MET D 1 -5.30 30.57 5.90
C MET D 1 -3.80 30.54 6.14
N LYS D 2 -3.31 29.40 6.57
CA LYS D 2 -1.92 29.19 6.93
C LYS D 2 -1.39 27.92 6.28
N GLY D 3 -0.08 27.73 6.37
CA GLY D 3 0.54 26.50 5.89
C GLY D 3 1.60 26.79 4.87
N TYR D 4 2.45 25.81 4.60
CA TYR D 4 3.57 25.98 3.68
C TYR D 4 3.20 25.36 2.34
N THR D 5 2.98 24.06 2.27
CA THR D 5 2.47 23.46 1.05
C THR D 5 0.96 23.36 1.16
N VAL D 6 0.31 22.92 0.08
CA VAL D 6 -1.12 22.64 0.13
C VAL D 6 -1.34 21.36 0.94
N PRO D 7 -2.53 21.20 1.54
CA PRO D 7 -3.59 22.21 1.66
C PRO D 7 -3.25 23.28 2.66
N LEU D 8 -3.53 24.52 2.29
CA LEU D 8 -3.51 25.59 3.26
C LEU D 8 -4.78 25.42 4.10
N SER D 9 -4.71 25.87 5.34
CA SER D 9 -5.75 25.54 6.29
C SER D 9 -5.79 26.54 7.44
N PRO D 10 -6.90 26.56 8.19
CA PRO D 10 -7.01 27.46 9.33
C PRO D 10 -5.85 27.37 10.31
N ARG D 11 -5.43 26.15 10.62
CA ARG D 11 -4.44 25.93 11.68
C ARG D 11 -3.04 25.57 11.19
N GLY D 12 -2.87 25.46 9.88
CA GLY D 12 -1.57 25.13 9.31
C GLY D 12 -1.06 23.73 9.69
N ILE D 13 -2.00 22.82 9.93
CA ILE D 13 -1.69 21.42 10.28
C ILE D 13 -1.81 20.50 9.08
N ALA D 14 -2.84 20.75 8.27
CA ALA D 14 -3.25 19.83 7.25
C ALA D 14 -2.25 19.82 6.10
N ASN D 15 -1.42 20.85 5.99
CA ASN D 15 -0.48 20.91 4.87
C ASN D 15 0.37 19.65 4.84
N LEU D 16 0.66 19.22 3.63
CA LEU D 16 1.46 18.03 3.37
C LEU D 16 2.81 18.15 4.04
N ALA D 17 3.38 19.35 3.95
CA ALA D 17 4.63 19.65 4.62
C ALA D 17 4.65 21.06 5.20
N PRO D 18 5.13 21.22 6.44
CA PRO D 18 5.31 22.54 7.02
C PRO D 18 6.56 23.22 6.50
N ALA D 19 6.76 24.48 6.87
CA ALA D 19 7.97 25.18 6.49
C ALA D 19 9.19 24.45 7.08
N PRO D 20 10.36 24.61 6.44
CA PRO D 20 11.64 24.24 7.04
C PRO D 20 11.83 24.89 8.39
N PRO D 21 12.74 24.35 9.22
CA PRO D 21 13.71 23.31 8.87
C PRO D 21 13.16 21.89 8.72
N TRP D 22 13.77 21.16 7.81
CA TRP D 22 13.47 19.76 7.57
C TRP D 22 14.75 18.95 7.91
N HIS D 23 14.63 18.07 8.88
CA HIS D 23 15.75 17.24 9.36
C HIS D 23 15.60 15.83 8.85
N TYR D 24 16.74 15.21 8.50
CA TYR D 24 16.75 13.89 7.88
C TYR D 24 17.85 13.03 8.54
N ALA D 25 17.50 11.81 8.91
CA ALA D 25 18.50 10.80 9.26
C ALA D 25 18.17 9.59 8.43
N GLY D 26 19.20 9.00 7.80
CA GLY D 26 18.95 7.87 6.94
C GLY D 26 20.11 6.92 6.80
N THR D 27 19.82 5.78 6.23
CA THR D 27 20.79 4.75 5.96
C THR D 27 20.75 4.45 4.47
N VAL D 28 21.92 4.55 3.85
CA VAL D 28 22.08 4.47 2.39
C VAL D 28 22.76 3.19 1.95
N VAL D 29 22.13 2.51 0.99
CA VAL D 29 22.76 1.53 0.13
C VAL D 29 22.95 2.20 -1.23
N GLY D 30 24.22 2.36 -1.62
CA GLY D 30 24.54 3.03 -2.88
C GLY D 30 25.36 2.16 -3.82
N VAL D 31 25.21 2.42 -5.11
CA VAL D 31 25.93 1.72 -6.15
C VAL D 31 26.42 2.71 -7.19
N GLU D 32 27.73 2.73 -7.37
CA GLU D 32 28.33 3.50 -8.43
C GLU D 32 28.08 2.71 -9.71
N PHE D 33 27.61 3.37 -10.78
CA PHE D 33 27.46 2.67 -12.04
C PHE D 33 27.88 3.51 -13.26
N PHE D 34 27.97 2.84 -14.39
CA PHE D 34 28.41 3.46 -15.64
C PHE D 34 27.43 3.12 -16.76
N THR D 35 26.78 4.15 -17.32
CA THR D 35 25.92 3.99 -18.46
C THR D 35 26.56 4.61 -19.69
N ASP D 36 25.84 4.59 -20.80
CA ASP D 36 26.30 5.25 -22.02
C ASP D 36 26.33 6.76 -21.84
N PRO D 37 27.47 7.39 -22.13
CA PRO D 37 27.53 8.83 -21.93
C PRO D 37 26.45 9.58 -22.68
N ALA D 38 26.13 9.16 -23.89
CA ALA D 38 25.10 9.85 -24.66
C ALA D 38 23.74 9.73 -23.97
N ALA D 39 23.46 8.57 -23.39
CA ALA D 39 22.20 8.38 -22.66
C ALA D 39 22.10 9.24 -21.42
N ALA D 40 23.19 9.36 -20.65
CA ALA D 40 23.25 10.32 -19.57
C ALA D 40 23.00 11.74 -20.08
N ALA D 41 23.68 12.10 -21.17
CA ALA D 41 23.63 13.44 -21.71
C ALA D 41 22.20 13.81 -22.14
N ALA D 42 21.47 12.82 -22.66
CA ALA D 42 20.10 13.06 -23.13
C ALA D 42 19.19 13.52 -21.99
N THR D 43 19.54 13.21 -20.75
CA THR D 43 18.71 13.60 -19.60
C THR D 43 19.04 14.98 -19.03
N LEU D 44 20.12 15.61 -19.46
CA LEU D 44 20.54 16.87 -18.83
C LEU D 44 19.69 18.09 -19.20
N PRO D 45 19.40 18.95 -18.22
CA PRO D 45 18.74 20.21 -18.54
C PRO D 45 19.68 21.22 -19.22
N GLU D 46 19.10 22.21 -19.88
CA GLU D 46 19.90 23.36 -20.31
C GLU D 46 20.59 23.92 -19.06
N GLY D 47 21.86 24.23 -19.21
CA GLY D 47 22.65 24.80 -18.13
C GLY D 47 23.63 23.76 -17.62
N LEU D 48 23.33 22.48 -17.87
CA LEU D 48 24.27 21.41 -17.56
C LEU D 48 24.89 20.80 -18.81
N THR D 49 26.15 20.43 -18.72
CA THR D 49 26.87 19.85 -19.85
C THR D 49 27.53 18.55 -19.40
N PRO D 50 27.92 17.71 -20.36
CA PRO D 50 28.52 16.42 -20.00
C PRO D 50 29.78 16.61 -19.19
N ASP D 51 30.01 15.74 -18.23
CA ASP D 51 31.26 15.74 -17.48
C ASP D 51 32.42 15.39 -18.42
N PRO D 52 33.40 16.29 -18.60
CA PRO D 52 34.49 16.00 -19.53
C PRO D 52 35.35 14.81 -19.10
N ASP D 53 35.22 14.38 -17.85
CA ASP D 53 36.05 13.31 -17.29
C ASP D 53 35.32 12.01 -17.06
N SER D 54 34.10 12.07 -16.52
CA SER D 54 33.40 10.86 -16.09
C SER D 54 31.96 10.78 -16.63
N ALA D 55 31.75 11.35 -17.82
CA ALA D 55 30.48 11.20 -18.54
C ALA D 55 30.01 9.73 -18.57
N GLY D 56 28.75 9.51 -18.19
CA GLY D 56 28.17 8.18 -18.09
C GLY D 56 28.16 7.60 -16.68
N ARG D 57 28.96 8.16 -15.78
CA ARG D 57 29.01 7.68 -14.41
C ARG D 57 27.78 8.17 -13.67
N GLY D 58 27.20 7.32 -12.86
CA GLY D 58 26.16 7.74 -11.94
C GLY D 58 26.23 7.01 -10.62
N VAL D 59 25.36 7.41 -9.69
CA VAL D 59 25.20 6.72 -8.44
C VAL D 59 23.74 6.40 -8.27
N ALA D 60 23.48 5.15 -7.89
CA ALA D 60 22.15 4.72 -7.51
C ALA D 60 22.09 4.60 -5.99
N MET D 61 21.05 5.13 -5.37
CA MET D 61 20.97 5.10 -3.92
C MET D 61 19.57 4.69 -3.52
N PHE D 62 19.55 3.81 -2.52
CA PHE D 62 18.35 3.28 -1.89
C PHE D 62 18.50 3.68 -0.42
N ILE D 63 17.57 4.49 0.06
CA ILE D 63 17.71 5.08 1.37
C ILE D 63 16.48 4.81 2.21
N ASP D 64 16.72 4.49 3.48
CA ASP D 64 15.68 4.38 4.49
C ASP D 64 15.72 5.65 5.33
N TRP D 65 14.78 6.57 5.10
CA TRP D 65 14.80 7.90 5.69
C TRP D 65 13.85 8.07 6.86
N GLN D 66 14.29 8.88 7.83
CA GLN D 66 13.43 9.37 8.88
C GLN D 66 13.53 10.89 8.88
N TYR D 67 12.38 11.54 8.78
CA TYR D 67 12.27 12.99 8.70
C TYR D 67 11.82 13.54 10.04
N SER D 68 12.24 14.74 10.36
CA SER D 68 11.60 15.51 11.45
C SER D 68 11.71 16.99 11.17
N SER D 69 10.91 17.78 11.89
CA SER D 69 11.05 19.24 11.86
C SER D 69 11.33 19.73 13.28
N THR D 70 10.64 20.77 13.71
CA THR D 70 10.99 21.39 14.98
C THR D 70 10.28 20.78 16.20
N GLY D 71 9.40 19.81 15.98
CA GLY D 71 8.63 19.26 17.08
C GLY D 71 8.58 17.76 17.26
N LEU D 72 9.71 17.08 17.09
CA LEU D 72 9.80 15.64 17.27
C LEU D 72 8.78 14.93 16.40
N GLU D 73 8.64 15.38 15.16
CA GLU D 73 7.80 14.73 14.18
C GLU D 73 8.23 13.27 13.94
N TYR D 74 9.47 12.91 14.27
CA TYR D 74 9.87 11.52 14.06
C TYR D 74 9.18 10.56 15.03
N LEU D 75 8.42 11.10 15.99
CA LEU D 75 7.59 10.28 16.86
C LEU D 75 6.31 9.82 16.17
N ASP D 76 6.13 10.23 14.91
CA ASP D 76 4.97 9.87 14.08
C ASP D 76 5.48 9.21 12.79
N PRO D 77 6.08 8.01 12.92
CA PRO D 77 6.74 7.36 11.80
C PRO D 77 5.77 7.03 10.63
N ALA D 78 4.48 6.97 10.94
CA ALA D 78 3.50 6.72 9.90
C ALA D 78 3.55 7.85 8.86
N ARG D 79 4.02 9.03 9.25
CA ARG D 79 4.15 10.14 8.30
C ARG D 79 5.62 10.47 8.06
N SER D 80 6.46 10.29 9.07
CA SER D 80 7.81 10.83 9.00
C SER D 80 8.84 9.88 8.39
N GLN D 81 8.57 8.57 8.40
CA GLN D 81 9.51 7.64 7.77
C GLN D 81 9.15 7.36 6.34
N TYR D 82 10.17 7.24 5.50
CA TYR D 82 9.90 6.90 4.12
C TYR D 82 11.13 6.24 3.52
N ARG D 83 10.94 5.59 2.39
CA ARG D 83 12.05 4.98 1.68
C ARG D 83 12.14 5.60 0.29
N GLU D 84 13.36 5.66 -0.21
CA GLU D 84 13.71 6.49 -1.37
C GLU D 84 14.70 5.75 -2.26
N PHE D 85 14.42 5.82 -3.56
CA PHE D 85 15.34 5.39 -4.58
C PHE D 85 15.57 6.52 -5.57
N LEU D 86 16.85 6.88 -5.77
CA LEU D 86 17.18 7.90 -6.76
C LEU D 86 18.43 7.51 -7.56
N ILE D 87 18.65 8.16 -8.70
CA ILE D 87 19.96 8.13 -9.32
C ILE D 87 20.42 9.57 -9.47
N THR D 88 21.73 9.76 -9.46
CA THR D 88 22.32 10.99 -9.97
C THR D 88 23.27 10.62 -11.08
N LEU D 89 23.60 11.60 -11.92
CA LEU D 89 24.48 11.41 -13.06
C LEU D 89 25.55 12.47 -13.06
N ASP D 90 26.80 12.08 -13.24
CA ASP D 90 27.87 13.07 -13.32
C ASP D 90 27.62 14.04 -14.46
N ALA D 91 27.87 15.32 -14.20
CA ALA D 91 27.76 16.33 -15.23
C ALA D 91 28.66 17.51 -14.81
N HIS D 92 28.63 18.57 -15.60
CA HIS D 92 29.32 19.81 -15.28
C HIS D 92 28.33 20.96 -15.33
N CYS D 93 28.51 21.91 -14.44
CA CYS D 93 27.81 23.19 -14.51
C CYS D 93 28.84 24.30 -14.50
N ASN D 94 29.00 24.94 -15.65
CA ASN D 94 29.96 26.03 -15.81
C ASN D 94 31.35 25.61 -15.38
N GLY D 95 31.76 24.44 -15.87
CA GLY D 95 33.10 23.92 -15.65
C GLY D 95 33.31 23.28 -14.29
N ALA D 96 32.24 23.14 -13.51
CA ALA D 96 32.32 22.51 -12.18
C ALA D 96 31.62 21.16 -12.12
N PRO D 97 32.24 20.17 -11.45
CA PRO D 97 31.56 18.87 -11.31
C PRO D 97 30.32 18.91 -10.42
N VAL D 98 29.20 18.42 -10.94
CA VAL D 98 27.93 18.35 -10.23
C VAL D 98 27.30 16.99 -10.42
N ALA D 99 26.17 16.76 -9.72
CA ALA D 99 25.40 15.53 -9.82
C ALA D 99 23.95 15.89 -10.15
N TRP D 100 23.52 15.55 -11.35
CA TRP D 100 22.16 15.79 -11.82
C TRP D 100 21.23 14.64 -11.41
N CYS D 101 20.04 14.97 -10.91
CA CYS D 101 19.06 13.98 -10.52
C CYS D 101 17.89 13.99 -11.49
N PRO D 102 17.84 12.98 -12.37
CA PRO D 102 16.73 12.90 -13.32
C PRO D 102 15.50 12.13 -12.80
N TYR D 103 15.71 11.13 -11.94
CA TYR D 103 14.65 10.21 -11.48
C TYR D 103 14.82 9.87 -10.01
N ILE D 104 13.69 9.80 -9.33
CA ILE D 104 13.68 9.58 -7.89
C ILE D 104 12.27 9.16 -7.50
N TYR D 105 12.20 8.23 -6.55
CA TYR D 105 10.96 7.55 -6.15
C TYR D 105 10.90 7.48 -4.64
N VAL D 106 9.74 7.77 -4.07
CA VAL D 106 9.57 7.68 -2.64
C VAL D 106 8.24 7.02 -2.31
N ASP D 107 8.10 6.49 -1.09
CA ASP D 107 6.84 5.81 -0.76
C ASP D 107 5.94 6.64 0.18
N ASN D 108 6.05 7.95 0.06
CA ASN D 108 5.47 8.88 1.02
C ASN D 108 5.06 10.19 0.33
N ASP D 109 3.82 10.61 0.48
CA ASP D 109 3.34 11.81 -0.20
C ASP D 109 3.93 13.08 0.37
N ALA D 110 4.15 13.13 1.67
CA ALA D 110 4.85 14.29 2.26
C ALA D 110 6.24 14.43 1.64
N ALA D 111 7.00 13.34 1.55
CA ALA D 111 8.31 13.40 0.89
C ALA D 111 8.20 13.83 -0.60
N MET D 112 7.18 13.32 -1.31
CA MET D 112 7.00 13.74 -2.70
C MET D 112 6.85 15.26 -2.81
N ALA D 113 6.01 15.85 -1.95
CA ALA D 113 5.80 17.31 -1.98
C ALA D 113 7.06 18.11 -1.59
N ARG D 114 7.74 17.69 -0.54
CA ARG D 114 8.99 18.32 -0.14
C ARG D 114 9.99 18.25 -1.30
N GLY D 115 10.04 17.10 -1.96
CA GLY D 115 10.93 16.93 -3.10
C GLY D 115 10.65 17.90 -4.25
N TRP D 116 9.39 18.02 -4.64
CA TRP D 116 8.99 18.93 -5.71
C TRP D 116 9.42 20.33 -5.35
N VAL D 117 9.26 20.72 -4.08
CA VAL D 117 9.63 22.05 -3.65
C VAL D 117 11.14 22.25 -3.87
N GLN D 118 11.91 21.21 -3.60
CA GLN D 118 13.36 21.23 -3.81
C GLN D 118 13.76 20.99 -5.27
N GLY D 119 12.80 20.65 -6.11
CA GLY D 119 13.15 20.31 -7.48
C GLY D 119 13.56 18.88 -7.72
N PHE D 120 13.52 18.05 -6.68
CA PHE D 120 13.65 16.59 -6.86
C PHE D 120 12.41 16.06 -7.57
N PRO D 121 12.56 15.41 -8.74
CA PRO D 121 11.37 15.00 -9.50
C PRO D 121 10.66 13.73 -8.99
N LYS D 122 10.17 13.75 -7.75
CA LYS D 122 9.70 12.52 -7.12
C LYS D 122 8.38 11.98 -7.69
N LYS D 123 8.36 10.66 -7.84
CA LYS D 123 7.16 9.88 -8.11
C LYS D 123 7.02 8.88 -6.98
N LEU D 124 5.82 8.34 -6.79
CA LEU D 124 5.69 7.29 -5.79
C LEU D 124 6.25 6.00 -6.32
N GLY D 125 6.87 5.25 -5.41
CA GLY D 125 7.48 3.97 -5.70
C GLY D 125 7.54 3.12 -4.44
N ALA D 126 7.85 1.83 -4.60
CA ALA D 126 8.08 0.93 -3.49
C ALA D 126 9.56 0.62 -3.40
N VAL D 127 10.18 0.92 -2.28
CA VAL D 127 11.66 0.87 -2.15
C VAL D 127 11.99 0.10 -0.89
N HIS D 128 12.94 -0.83 -1.01
CA HIS D 128 13.33 -1.73 0.07
C HIS D 128 14.85 -1.91 0.09
N GLN D 129 15.41 -2.09 1.28
CA GLN D 129 16.83 -2.45 1.41
C GLN D 129 17.02 -3.34 2.60
N THR D 130 17.91 -4.32 2.46
CA THR D 130 18.33 -5.18 3.58
C THR D 130 18.81 -4.33 4.74
N ARG D 131 18.45 -4.74 5.97
CA ARG D 131 18.83 -4.03 7.19
C ARG D 131 19.82 -4.86 8.01
N ALA D 132 20.82 -4.21 8.61
CA ALA D 132 21.71 -4.86 9.58
C ALA D 132 21.20 -4.59 11.00
N TYR D 133 21.08 -5.66 11.77
CA TYR D 133 20.65 -5.58 13.15
C TYR D 133 21.81 -5.87 14.08
N SER D 134 21.98 -5.03 15.07
CA SER D 134 23.09 -5.22 16.04
C SER D 134 23.07 -6.60 16.71
N VAL D 135 21.88 -7.15 16.94
CA VAL D 135 21.77 -8.38 17.70
C VAL D 135 22.50 -9.51 16.96
N GLY D 136 22.57 -9.41 15.64
CA GLY D 136 23.24 -10.40 14.82
C GLY D 136 22.43 -11.68 14.64
N GLY D 137 23.05 -12.69 14.02
CA GLY D 137 22.39 -13.97 13.80
C GLY D 137 22.02 -14.19 12.34
N PRO D 138 21.36 -15.32 12.05
CA PRO D 138 21.08 -15.65 10.64
C PRO D 138 20.01 -14.81 9.93
N GLY D 139 19.30 -13.95 10.65
CA GLY D 139 18.35 -13.07 10.02
C GLY D 139 18.92 -11.76 9.53
N THR D 140 20.24 -11.57 9.65
CA THR D 140 20.84 -10.28 9.36
C THR D 140 22.26 -10.41 8.83
N PRO D 141 22.63 -9.52 7.90
CA PRO D 141 24.07 -9.44 7.60
C PRO D 141 24.81 -8.71 8.71
N VAL D 142 26.13 -8.80 8.68
CA VAL D 142 27.01 -7.96 9.50
C VAL D 142 27.24 -6.63 8.81
N LEU D 143 27.19 -5.54 9.58
CA LEU D 143 27.68 -4.26 9.06
C LEU D 143 29.19 -4.26 9.18
N GLY D 144 29.84 -4.91 8.24
CA GLY D 144 31.27 -5.15 8.31
C GLY D 144 31.65 -5.98 7.12
N PRO D 145 32.92 -6.42 7.05
CA PRO D 145 33.39 -7.23 5.91
C PRO D 145 32.53 -8.47 5.65
N GLY D 146 32.19 -8.71 4.39
CA GLY D 146 31.39 -9.88 4.04
C GLY D 146 29.90 -9.62 4.05
N GLY D 147 29.50 -8.51 4.68
CA GLY D 147 28.07 -8.20 4.79
C GLY D 147 27.44 -7.92 3.44
N GLN D 148 26.39 -8.67 3.14
CA GLN D 148 25.66 -8.51 1.89
C GLN D 148 24.31 -7.86 2.09
N PHE D 149 23.97 -6.93 1.20
CA PHE D 149 22.74 -6.14 1.28
C PHE D 149 22.08 -6.08 -0.10
N GLY D 150 20.79 -6.34 -0.13
CA GLY D 150 20.02 -6.23 -1.36
C GLY D 150 19.14 -5.00 -1.30
N ALA D 151 18.69 -4.53 -2.46
CA ALA D 151 17.79 -3.37 -2.49
C ALA D 151 17.03 -3.38 -3.81
N THR D 152 15.78 -2.95 -3.77
CA THR D 152 14.95 -2.95 -4.96
C THR D 152 14.05 -1.72 -4.96
N ALA D 153 13.56 -1.42 -6.16
CA ALA D 153 12.63 -0.32 -6.36
C ALA D 153 11.64 -0.73 -7.44
N SER D 154 10.37 -0.45 -7.18
CA SER D 154 9.29 -0.66 -8.14
C SER D 154 8.52 0.64 -8.27
N SER D 155 7.85 0.76 -9.40
CA SER D 155 6.95 1.87 -9.62
C SER D 155 5.71 1.36 -10.37
N ALA D 156 4.55 1.72 -9.86
CA ALA D 156 3.27 1.24 -10.37
C ALA D 156 3.30 -0.28 -10.59
N GLY D 157 3.85 -0.99 -9.60
CA GLY D 157 3.79 -2.45 -9.56
C GLY D 157 4.75 -3.12 -10.51
N GLN D 158 5.71 -2.32 -10.98
CA GLN D 158 6.73 -2.79 -11.90
C GLN D 158 8.10 -2.55 -11.27
N ARG D 159 8.92 -3.60 -11.26
CA ARG D 159 10.28 -3.56 -10.77
C ARG D 159 11.14 -2.74 -11.73
N ILE D 160 11.81 -1.70 -11.23
CA ILE D 160 12.64 -0.84 -12.08
C ILE D 160 14.13 -0.93 -11.76
N ALA D 161 14.48 -1.37 -10.56
CA ALA D 161 15.90 -1.55 -10.20
C ALA D 161 16.07 -2.64 -9.15
N GLU D 162 17.14 -3.43 -9.32
CA GLU D 162 17.58 -4.42 -8.32
C GLU D 162 19.08 -4.31 -8.12
N ALA D 163 19.49 -4.30 -6.87
CA ALA D 163 20.90 -4.17 -6.54
C ALA D 163 21.31 -5.12 -5.42
N LYS D 164 22.58 -5.46 -5.40
CA LYS D 164 23.18 -6.07 -4.22
C LYS D 164 24.60 -5.56 -4.00
N ILE D 165 24.98 -5.36 -2.73
CA ILE D 165 26.37 -5.02 -2.42
C ILE D 165 26.99 -6.00 -1.40
N THR D 166 28.31 -6.12 -1.45
CA THR D 166 29.06 -6.87 -0.45
C THR D 166 30.14 -5.95 0.12
N LEU D 167 30.07 -5.67 1.41
CA LEU D 167 30.99 -4.75 2.06
C LEU D 167 32.37 -5.39 2.21
N GLU D 168 33.41 -4.58 2.04
CA GLU D 168 34.78 -5.05 2.21
C GLU D 168 35.57 -4.31 3.28
N GLN D 169 35.44 -2.98 3.32
CA GLN D 169 36.24 -2.20 4.27
C GLN D 169 35.62 -0.84 4.56
N PRO D 170 36.03 -0.20 5.68
CA PRO D 170 35.54 1.15 5.99
C PRO D 170 35.94 2.19 4.93
N VAL D 171 35.07 3.14 4.63
CA VAL D 171 35.35 4.18 3.65
C VAL D 171 36.54 4.99 4.18
N PRO D 172 37.59 5.16 3.37
CA PRO D 172 38.79 5.91 3.82
C PRO D 172 38.53 7.38 4.16
N ASP D 173 37.80 8.11 3.31
CA ASP D 173 37.45 9.50 3.60
C ASP D 173 35.95 9.75 3.58
N PRO D 174 35.26 9.40 4.68
CA PRO D 174 33.80 9.56 4.73
C PRO D 174 33.30 10.91 4.22
N ALA D 175 34.05 11.97 4.48
CA ALA D 175 33.61 13.32 4.12
C ALA D 175 33.63 13.52 2.60
N ALA D 176 34.31 12.64 1.87
CA ALA D 176 34.44 12.78 0.43
C ALA D 176 33.18 12.32 -0.30
N LEU D 177 32.44 11.40 0.32
CA LEU D 177 31.21 10.89 -0.28
C LEU D 177 30.28 12.05 -0.66
N MET D 178 29.63 11.94 -1.82
CA MET D 178 28.75 13.00 -2.34
C MET D 178 29.41 14.38 -2.24
N SER D 179 30.62 14.47 -2.79
CA SER D 179 31.38 15.70 -2.84
C SER D 179 30.84 16.62 -3.94
N ARG D 180 30.14 16.03 -4.90
CA ARG D 180 29.49 16.79 -5.96
C ARG D 180 28.17 17.39 -5.50
N PRO D 181 27.99 18.71 -5.65
CA PRO D 181 26.66 19.23 -5.36
C PRO D 181 25.59 18.64 -6.28
N VAL D 182 24.39 18.46 -5.74
CA VAL D 182 23.28 17.92 -6.52
C VAL D 182 22.54 19.09 -7.15
N ILE D 183 22.19 18.91 -8.42
CA ILE D 183 21.47 19.87 -9.24
C ILE D 183 20.11 19.30 -9.54
N ASN D 184 19.10 20.13 -9.33
CA ASN D 184 17.70 19.76 -9.60
C ASN D 184 17.01 20.82 -10.44
N LEU D 185 15.73 20.59 -10.68
CA LEU D 185 14.92 21.46 -11.51
C LEU D 185 13.53 21.62 -10.89
N ARG D 186 13.30 22.79 -10.30
CA ARG D 186 11.99 23.16 -9.83
C ARG D 186 11.13 23.42 -11.05
N HIS D 187 9.98 22.76 -11.13
CA HIS D 187 9.17 22.83 -12.32
C HIS D 187 7.71 22.66 -11.97
N PHE D 188 6.90 23.64 -12.37
CA PHE D 188 5.47 23.59 -12.09
C PHE D 188 4.73 24.19 -13.28
N PRO D 189 3.94 23.36 -13.98
CA PRO D 189 3.32 23.79 -15.24
C PRO D 189 2.11 24.71 -15.08
N ARG D 190 1.69 25.30 -16.21
CA ARG D 190 0.45 26.09 -16.31
C ARG D 190 -0.59 25.25 -17.02
N LEU D 191 -1.85 25.45 -16.65
CA LEU D 191 -2.97 24.75 -17.27
C LEU D 191 -3.86 25.68 -18.08
N ALA D 192 -3.69 26.99 -17.93
CA ALA D 192 -4.41 27.93 -18.80
C ALA D 192 -4.24 27.56 -20.26
N ALA D 193 -5.35 27.56 -21.00
CA ALA D 193 -5.27 27.27 -22.45
C ALA D 193 -4.26 28.18 -23.12
N GLY D 194 -3.41 27.57 -23.93
CA GLY D 194 -2.36 28.28 -24.64
C GLY D 194 -1.04 28.37 -23.90
N GLN D 195 -1.01 27.91 -22.65
CA GLN D 195 0.18 28.02 -21.80
C GLN D 195 0.72 26.69 -21.30
N HIS D 196 0.29 25.57 -21.92
CA HIS D 196 0.71 24.27 -21.43
C HIS D 196 2.20 24.07 -21.68
N ASP D 197 2.78 24.89 -22.56
CA ASP D 197 4.22 24.81 -22.82
C ASP D 197 4.97 25.94 -22.12
N GLN D 198 4.29 26.64 -21.23
CA GLN D 198 4.89 27.82 -20.59
C GLN D 198 4.79 27.68 -19.07
N PRO D 199 5.66 26.87 -18.46
CA PRO D 199 5.53 26.58 -17.02
C PRO D 199 5.64 27.84 -16.15
N ALA D 200 4.91 27.84 -15.04
CA ALA D 200 4.93 28.97 -14.11
C ALA D 200 6.27 29.02 -13.38
N VAL D 201 6.75 27.84 -13.02
CA VAL D 201 8.05 27.66 -12.40
C VAL D 201 8.89 26.72 -13.25
N HIS D 202 10.11 27.17 -13.57
CA HIS D 202 11.02 26.34 -14.35
C HIS D 202 12.40 26.89 -14.07
N GLU D 203 13.06 26.37 -13.06
CA GLU D 203 14.36 26.93 -12.75
C GLU D 203 15.34 25.87 -12.26
N LEU D 204 16.57 25.94 -12.76
CA LEU D 204 17.62 25.06 -12.26
C LEU D 204 18.00 25.50 -10.85
N VAL D 205 18.20 24.53 -9.97
CA VAL D 205 18.56 24.81 -8.58
C VAL D 205 19.71 23.89 -8.16
N MET D 206 20.49 24.34 -7.18
CA MET D 206 21.48 23.51 -6.52
C MET D 206 20.97 23.18 -5.13
N SER D 207 20.98 21.90 -4.78
CA SER D 207 20.61 21.47 -3.44
C SER D 207 21.57 22.04 -2.37
N VAL D 208 21.01 22.52 -1.27
CA VAL D 208 21.80 23.05 -0.17
C VAL D 208 21.47 22.25 1.07
N LEU D 209 22.50 21.66 1.66
CA LEU D 209 22.36 20.82 2.84
C LEU D 209 23.12 21.44 4.00
N ASP D 210 22.44 21.59 5.13
CA ASP D 210 23.02 22.13 6.35
C ASP D 210 23.51 21.00 7.27
N ASP D 211 24.65 21.19 7.93
CA ASP D 211 25.09 20.29 9.03
C ASP D 211 25.21 18.83 8.59
N THR D 212 25.68 18.62 7.37
CA THR D 212 25.78 17.27 6.82
C THR D 212 26.76 16.39 7.60
N ALA D 213 26.34 15.16 7.85
CA ALA D 213 27.13 14.24 8.65
C ALA D 213 26.99 12.84 8.09
N VAL D 214 28.08 12.10 8.10
CA VAL D 214 28.11 10.73 7.61
C VAL D 214 28.72 9.89 8.70
N SER D 215 28.26 8.65 8.88
CA SER D 215 28.88 7.74 9.86
C SER D 215 28.78 6.32 9.36
N ASP D 216 29.57 5.44 9.96
CA ASP D 216 29.48 3.99 9.74
C ASP D 216 29.58 3.66 8.25
N ALA D 217 30.49 4.33 7.55
CA ALA D 217 30.57 4.18 6.11
C ALA D 217 31.53 3.05 5.71
N TRP D 218 31.06 2.22 4.77
CA TRP D 218 31.72 1.03 4.27
C TRP D 218 31.67 1.06 2.73
N VAL D 219 32.66 0.42 2.11
CA VAL D 219 32.71 0.28 0.67
C VAL D 219 32.99 -1.19 0.35
N GLY D 220 32.57 -1.61 -0.83
CA GLY D 220 32.76 -2.98 -1.26
C GLY D 220 32.40 -3.11 -2.74
N THR D 221 31.88 -4.27 -3.13
CA THR D 221 31.50 -4.49 -4.52
C THR D 221 30.00 -4.37 -4.70
N ALA D 222 29.56 -4.35 -5.95
CA ALA D 222 28.16 -4.14 -6.23
C ALA D 222 27.69 -4.78 -7.54
N ASP D 223 26.40 -5.08 -7.54
CA ASP D 223 25.65 -5.57 -8.69
C ASP D 223 24.44 -4.65 -8.84
N LEU D 224 24.17 -4.21 -10.06
CA LEU D 224 23.03 -3.34 -10.32
C LEU D 224 22.42 -3.57 -11.70
N ALA D 225 21.10 -3.59 -11.74
CA ALA D 225 20.32 -3.68 -12.96
C ALA D 225 19.14 -2.71 -12.94
N PHE D 226 18.90 -2.02 -14.05
CA PHE D 226 17.68 -1.27 -14.24
C PHE D 226 16.82 -2.11 -15.16
N LEU D 227 15.53 -2.14 -14.90
CA LEU D 227 14.61 -2.94 -15.69
C LEU D 227 13.59 -2.06 -16.41
N PRO D 228 13.34 -2.35 -17.69
CA PRO D 228 12.31 -1.66 -18.46
C PRO D 228 10.95 -1.75 -17.80
N ALA D 229 10.23 -0.65 -17.83
CA ALA D 229 8.92 -0.55 -17.20
C ALA D 229 8.04 0.45 -17.97
N HIS D 230 6.77 0.10 -18.21
CA HIS D 230 5.88 1.05 -18.85
C HIS D 230 5.79 2.33 -18.05
N GLY D 231 5.85 3.47 -18.73
CA GLY D 231 5.76 4.76 -18.07
C GLY D 231 7.02 5.21 -17.33
N GLU D 232 8.15 4.52 -17.55
CA GLU D 232 9.41 4.91 -16.93
C GLU D 232 10.51 4.93 -17.97
N GLU D 233 11.62 5.61 -17.65
CA GLU D 233 12.71 5.75 -18.62
C GLU D 233 14.07 5.44 -17.98
N LEU D 234 14.05 5.00 -16.73
CA LEU D 234 15.28 4.66 -16.03
C LEU D 234 16.15 3.68 -16.80
N ALA D 235 15.52 2.62 -17.32
CA ALA D 235 16.26 1.55 -18.00
C ALA D 235 16.87 2.01 -19.32
N ASP D 236 16.52 3.22 -19.75
CA ASP D 236 17.15 3.87 -20.90
C ASP D 236 18.53 4.44 -20.52
N LEU D 237 18.92 4.22 -19.27
CA LEU D 237 20.27 4.42 -18.77
C LEU D 237 20.88 3.06 -18.42
N PRO D 238 21.11 2.22 -19.44
CA PRO D 238 21.56 0.85 -19.14
C PRO D 238 22.86 0.75 -18.33
N VAL D 239 22.91 -0.20 -17.41
CA VAL D 239 24.08 -0.43 -16.58
C VAL D 239 25.09 -1.21 -17.40
N ARG D 240 26.10 -0.52 -17.91
CA ARG D 240 27.14 -1.20 -18.68
C ARG D 240 28.16 -1.85 -17.78
N ARG D 241 28.34 -1.25 -16.60
CA ARG D 241 29.33 -1.73 -15.63
C ARG D 241 28.94 -1.20 -14.27
N THR D 242 29.17 -1.99 -13.22
CA THR D 242 29.01 -1.54 -11.84
C THR D 242 30.37 -1.21 -11.24
N GLY D 243 30.45 -0.10 -10.52
CA GLY D 243 31.62 0.23 -9.73
C GLY D 243 31.47 -0.17 -8.27
N LYS D 244 31.85 0.73 -7.36
CA LYS D 244 31.83 0.43 -5.93
C LYS D 244 30.41 0.39 -5.36
N GLY D 245 30.21 -0.53 -4.42
CA GLY D 245 29.03 -0.50 -3.55
C GLY D 245 29.38 0.19 -2.25
N PHE D 246 28.40 0.89 -1.68
CA PHE D 246 28.56 1.75 -0.50
C PHE D 246 27.43 1.51 0.51
N HIS D 247 27.74 1.63 1.80
CA HIS D 247 26.74 1.61 2.86
C HIS D 247 27.13 2.65 3.91
N PHE D 248 26.21 3.56 4.24
CA PHE D 248 26.50 4.55 5.29
C PHE D 248 25.24 5.22 5.83
N ASP D 249 25.40 5.85 6.99
CA ASP D 249 24.36 6.69 7.57
C ASP D 249 24.59 8.12 7.10
N LEU D 250 23.51 8.82 6.82
CA LEU D 250 23.59 10.19 6.34
C LEU D 250 22.60 11.06 7.13
N ALA D 251 23.06 12.24 7.55
CA ALA D 251 22.17 13.21 8.20
C ALA D 251 22.37 14.62 7.66
N TYR D 252 21.29 15.38 7.55
CA TYR D 252 21.38 16.78 7.20
C TYR D 252 20.05 17.48 7.44
N THR D 253 20.11 18.81 7.34
CA THR D 253 18.94 19.67 7.49
C THR D 253 18.79 20.53 6.25
N VAL D 254 17.54 20.81 5.86
CA VAL D 254 17.23 21.69 4.74
C VAL D 254 16.55 22.94 5.28
N THR D 255 17.08 24.10 4.88
CA THR D 255 16.51 25.40 5.22
C THR D 255 16.49 26.34 4.03
N ASP D 256 17.17 25.95 2.95
CA ASP D 256 17.51 26.85 1.86
C ASP D 256 17.53 26.04 0.56
N LEU D 257 17.79 26.73 -0.54
CA LEU D 257 17.86 26.15 -1.88
C LEU D 257 18.39 27.28 -2.78
N MET D 258 19.38 26.98 -3.61
CA MET D 258 19.99 28.03 -4.42
C MET D 258 19.44 28.01 -5.82
N THR D 259 18.72 29.07 -6.20
CA THR D 259 18.29 29.19 -7.59
C THR D 259 19.46 29.59 -8.47
N LEU D 260 19.78 28.75 -9.45
CA LEU D 260 20.83 29.11 -10.40
C LEU D 260 20.26 29.95 -11.53
N ALA D 261 19.33 29.36 -12.28
CA ALA D 261 18.84 29.93 -13.53
C ALA D 261 17.32 29.81 -13.61
N ASP D 262 16.67 30.84 -14.11
CA ASP D 262 15.22 30.83 -14.34
C ASP D 262 14.90 30.79 -15.84
C PYR E . 5.96 -14.85 11.46
O PYR E . 6.20 -14.42 10.24
OXT PYR E . 6.76 -15.72 12.01
CA PYR E . 4.85 -14.39 12.17
CB PYR E . 4.82 -14.67 13.65
HB1 PYR E . 4.31 -13.84 14.16
HB2 PYR E . 5.84 -14.74 14.03
HB3 PYR E . 4.29 -15.59 13.84
C FMT F . 6.27 8.15 27.45
O1 FMT F . 7.14 8.41 26.64
O2 FMT F . 6.51 7.87 28.62
O1 PE4 G . 22.39 -15.86 -2.42
C1 PE4 G . 21.92 -17.21 -2.47
C2 PE4 G . 22.61 -18.07 -1.40
O2 PE4 G . 22.38 -19.43 -1.76
C3 PE4 G . 22.31 -20.36 -0.69
C4 PE4 G . 21.31 -21.42 -1.12
O3 PE4 G . 20.04 -20.82 -1.40
C5 PE4 G . 19.04 -21.76 -1.77
C6 PE4 G . 17.63 -21.17 -1.79
O4 PE4 G . 17.60 -19.90 -2.44
C7 PE4 G . 16.37 -19.20 -2.26
C8 PE4 G . 16.59 -17.81 -1.63
O5 PE4 G . 16.98 -16.80 -2.57
C9 PE4 G . 17.27 -15.55 -1.94
C10 PE4 G . 17.45 -14.40 -2.94
O6 PE4 G . 16.19 -14.10 -3.55
C11 PE4 G . 16.33 -13.30 -4.73
C12 PE4 G . 15.37 -12.12 -4.70
O7 PE4 G . 15.79 -11.11 -5.61
C13 PE4 G . 15.24 -9.82 -5.28
C14 PE4 G . 16.28 -8.75 -5.62
O8 PE4 G . 17.45 -9.10 -4.91
C15 PE4 G . 18.62 -8.35 -5.23
C16 PE4 G . 19.77 -9.32 -5.00
C PYR H . -7.23 14.99 -11.04
O PYR H . -6.54 13.90 -11.29
OXT PYR H . -7.71 15.65 -12.05
CA PYR H . -7.44 15.46 -9.75
CB PYR H . -8.58 16.44 -9.57
HB1 PYR H . -8.94 16.40 -8.55
HB2 PYR H . -9.38 16.20 -10.26
HB3 PYR H . -8.22 17.46 -9.80
C FMT I . -28.58 6.85 4.66
O1 FMT I . -28.42 5.71 4.23
O2 FMT I . -29.69 7.33 4.92
C PYR J . -12.63 -15.52 -1.92
O PYR J . -13.75 -16.16 -1.91
OXT PYR J . -12.46 -14.42 -1.25
CA PYR J . -11.55 -16.04 -2.61
CB PYR J . -11.80 -17.05 -3.69
HB1 PYR J . -11.04 -16.96 -4.47
HB2 PYR J . -12.79 -16.88 -4.13
HB3 PYR J . -11.76 -18.05 -3.27
C FMT K . 10.83 -31.40 10.16
O1 FMT K . 9.99 -32.25 9.88
O2 FMT K . 11.18 -31.14 11.32
C FMT L . -6.53 -7.51 -28.20
O1 FMT L . -7.05 -8.43 -28.80
O2 FMT L . -7.15 -6.81 -27.41
C1 PEG M . 0.11 -1.01 -20.03
O1 PEG M . 1.16 -0.55 -20.89
C2 PEG M . 0.29 -2.44 -19.50
O2 PEG M . -0.35 -3.39 -20.36
C3 PEG M . -1.73 -3.55 -20.13
C4 PEG M . -2.37 -4.12 -21.39
O4 PEG M . -2.43 -3.12 -22.42
O1 PE4 N . -24.33 -2.29 9.59
C1 PE4 N . -25.41 -1.69 8.87
C2 PE4 N . -26.13 -2.76 8.07
O2 PE4 N . -26.71 -3.73 8.94
C3 PE4 N . -27.78 -4.46 8.31
C4 PE4 N . -28.24 -5.64 9.18
O3 PE4 N . -27.12 -6.46 9.53
C5 PE4 N . -27.40 -7.46 10.52
C6 PE4 N . -26.16 -8.32 10.78
O4 PE4 N . -24.97 -7.54 11.02
C7 PE4 N . -23.79 -8.36 11.18
C8 PE4 N . -22.50 -7.55 10.96
O5 PE4 N . -22.36 -7.18 9.58
C9 PE4 N . -21.47 -6.09 9.32
C10 PE4 N . -22.30 -4.91 8.83
O6 PE4 N . -21.61 -4.07 7.89
C11 PE4 N . -20.30 -3.70 8.35
C12 PE4 N . -20.25 -2.21 8.59
O7 PE4 N . -18.88 -1.75 8.67
C13 PE4 N . -18.81 -0.49 9.31
C14 PE4 N . -17.88 0.48 8.60
O8 PE4 N . -18.49 0.89 7.37
C15 PE4 N . -19.09 2.18 7.42
C16 PE4 N . -19.33 2.76 6.06
C PYR O . 12.56 14.99 0.61
O PYR O . 13.37 15.83 1.15
OXT PYR O . 11.49 14.63 1.28
CA PYR O . 12.80 14.52 -0.69
CB PYR O . 14.14 14.72 -1.36
HB1 PYR O . 14.37 13.85 -1.96
HB2 PYR O . 14.91 14.85 -0.59
HB3 PYR O . 14.10 15.61 -1.99
C FMT P . 19.00 -14.08 13.78
O1 FMT P . 19.21 -12.97 13.25
O2 FMT P . 18.02 -14.82 13.59
C FMT Q . -2.63 24.48 -24.61
O1 FMT Q . -1.64 25.20 -24.41
O2 FMT Q . -3.79 24.87 -24.45
C1 PEG R . 1.34 12.09 15.89
O1 PEG R . 0.68 13.16 16.60
C2 PEG R . 0.78 10.73 16.26
O2 PEG R . 1.80 10.02 16.95
C3 PEG R . 1.45 8.72 17.39
C4 PEG R . 1.78 8.56 18.87
O4 PEG R . 3.18 8.74 19.11
#